data_3N0V
#
_entry.id   3N0V
#
_cell.length_a   81.213
_cell.length_b   93.965
_cell.length_c   97.129
_cell.angle_alpha   90.000
_cell.angle_beta   101.380
_cell.angle_gamma   90.000
#
_symmetry.space_group_name_H-M   'P 1 21 1'
#
loop_
_entity.id
_entity.type
_entity.pdbx_description
1 polymer 'Formyltetrahydrofolate deformylase'
2 water water
#
_entity_poly.entity_id   1
_entity_poly.type   'polypeptide(L)'
_entity_poly.pdbx_seq_one_letter_code
;G(MSE)SRAPDTWILTADCPS(MSE)LGTVDVVTRYLFEQRCYVTEHHSFDDRQSGRFFIRVEFRQPDDFDEAGFRAGLA
ERSEAFG(MSE)AFELTAPNHRPKVVI(MSE)VSKADHCLNDLLYRQRIGQLG(MSE)DVVAVVSNHPDLEPLAHWHKIP
YYHFALDPKDKPGQERKVLQVIEETGAELVILARY(MSE)QVLSPELCRRLDGWAINIHHSLLPGFKGAKPYHQAYNKGV
K(MSE)VGATAHYINNDLDEGPIIAQGVEVVDHSHYPEDLIAKGRDIECLTLARAVGYHIERRVFLNANRTVVL
;
_entity_poly.pdbx_strand_id   A,B,C,D
#
# COMPACT_ATOMS: atom_id res chain seq x y z
N ASP A 7 14.33 14.18 -23.24
CA ASP A 7 14.58 15.25 -24.26
C ASP A 7 13.87 16.58 -23.90
N THR A 8 13.61 16.80 -22.60
CA THR A 8 12.92 18.02 -22.15
C THR A 8 13.73 18.84 -21.14
N TRP A 9 13.65 20.16 -21.27
CA TRP A 9 14.17 21.12 -20.29
C TRP A 9 13.23 21.22 -19.08
N ILE A 10 13.78 21.46 -17.89
CA ILE A 10 12.99 21.60 -16.66
C ILE A 10 13.14 23.03 -16.14
N LEU A 11 12.00 23.68 -15.89
CA LEU A 11 12.00 25.05 -15.41
C LEU A 11 11.19 25.14 -14.15
N THR A 12 11.82 25.62 -13.08
CA THR A 12 11.15 25.79 -11.81
C THR A 12 11.25 27.25 -11.41
N ALA A 13 10.13 27.80 -10.94
CA ALA A 13 10.11 29.19 -10.46
C ALA A 13 9.28 29.31 -9.19
N ASP A 14 9.62 30.29 -8.37
CA ASP A 14 8.86 30.60 -7.18
C ASP A 14 8.94 32.08 -6.87
N CYS A 15 7.88 32.63 -6.28
CA CYS A 15 7.78 34.05 -6.03
C CYS A 15 6.65 34.33 -5.05
N PRO A 16 6.60 35.56 -4.53
CA PRO A 16 5.47 35.99 -3.72
C PRO A 16 4.15 35.95 -4.50
N SER A 17 3.10 35.44 -3.85
CA SER A 17 1.80 35.31 -4.48
C SER A 17 1.26 36.62 -5.04
N LEU A 19 -1.47 38.00 -8.76
CA LEU A 19 -2.16 37.69 -10.00
C LEU A 19 -1.13 37.73 -11.14
N GLY A 20 -1.19 36.75 -12.04
CA GLY A 20 -0.31 36.73 -13.19
C GLY A 20 1.02 36.01 -12.99
N THR A 21 1.14 35.24 -11.92
CA THR A 21 2.35 34.45 -11.68
C THR A 21 2.48 33.28 -12.67
N VAL A 22 1.38 32.60 -13.02
CA VAL A 22 1.42 31.54 -14.05
C VAL A 22 1.57 32.17 -15.44
N ASP A 23 0.96 33.34 -15.61
CA ASP A 23 1.01 34.09 -16.86
C ASP A 23 2.44 34.51 -17.27
N VAL A 24 3.24 34.98 -16.31
CA VAL A 24 4.58 35.51 -16.65
C VAL A 24 5.55 34.44 -17.15
N VAL A 25 5.41 33.23 -16.61
CA VAL A 25 6.20 32.10 -17.07
C VAL A 25 5.60 31.54 -18.38
N THR A 26 4.28 31.39 -18.41
CA THR A 26 3.58 30.75 -19.53
C THR A 26 3.64 31.59 -20.82
N ARG A 27 3.42 32.89 -20.71
CA ARG A 27 3.53 33.81 -21.86
C ARG A 27 4.96 33.87 -22.39
N TYR A 28 5.95 33.89 -21.50
CA TYR A 28 7.35 33.93 -21.92
C TYR A 28 7.79 32.62 -22.62
N LEU A 29 7.32 31.48 -22.13
CA LEU A 29 7.58 30.19 -22.81
C LEU A 29 6.97 30.17 -24.23
N PHE A 30 5.78 30.74 -24.38
CA PHE A 30 5.14 30.87 -25.70
C PHE A 30 6.00 31.69 -26.66
N GLU A 31 6.36 32.91 -26.25
CA GLU A 31 7.15 33.83 -27.09
C GLU A 31 8.50 33.22 -27.51
N GLN A 32 9.10 32.45 -26.61
CA GLN A 32 10.38 31.80 -26.87
C GLN A 32 10.24 30.51 -27.69
N ARG A 33 9.02 30.19 -28.10
CA ARG A 33 8.73 28.97 -28.89
C ARG A 33 9.16 27.69 -28.17
N CYS A 34 8.98 27.69 -26.85
CA CYS A 34 9.26 26.52 -26.02
C CYS A 34 7.98 25.74 -25.83
N TYR A 35 7.98 24.51 -26.34
CA TYR A 35 6.77 23.70 -26.37
C TYR A 35 6.61 23.00 -25.02
N VAL A 36 5.57 23.41 -24.28
CA VAL A 36 5.32 22.88 -22.96
C VAL A 36 4.82 21.44 -23.08
N THR A 37 5.50 20.51 -22.40
CA THR A 37 5.09 19.10 -22.42
C THR A 37 4.29 18.76 -21.18
N GLU A 38 4.67 19.30 -20.02
CA GLU A 38 3.75 19.36 -18.89
C GLU A 38 4.12 20.39 -17.84
N HIS A 39 3.13 20.71 -17.00
CA HIS A 39 3.03 21.99 -16.32
C HIS A 39 2.26 21.81 -15.01
N HIS A 40 2.93 22.04 -13.87
CA HIS A 40 2.29 21.94 -12.56
C HIS A 40 2.60 23.15 -11.68
N SER A 41 1.59 23.72 -11.04
CA SER A 41 1.82 24.85 -10.16
C SER A 41 0.95 24.79 -8.92
N PHE A 42 1.37 25.52 -7.90
CA PHE A 42 0.70 25.58 -6.62
C PHE A 42 0.90 26.93 -5.97
N ASP A 43 -0.20 27.51 -5.47
CA ASP A 43 -0.17 28.75 -4.74
C ASP A 43 -0.58 28.49 -3.30
N ASP A 44 0.37 28.59 -2.38
CA ASP A 44 0.13 28.36 -0.96
C ASP A 44 -0.52 29.57 -0.28
N ARG A 45 -1.80 29.45 0.05
CA ARG A 45 -2.54 30.59 0.61
C ARG A 45 -2.13 30.97 2.04
N GLN A 46 -1.47 30.07 2.77
CA GLN A 46 -1.01 30.41 4.12
C GLN A 46 0.36 31.10 4.07
N SER A 47 1.28 30.59 3.26
CA SER A 47 2.65 31.15 3.16
C SER A 47 2.80 32.31 2.17
N GLY A 48 1.80 32.55 1.32
CA GLY A 48 1.88 33.62 0.33
C GLY A 48 2.91 33.40 -0.77
N ARG A 49 3.22 32.12 -1.04
CA ARG A 49 4.26 31.75 -2.01
C ARG A 49 3.66 30.99 -3.16
N PHE A 50 4.22 31.22 -4.35
CA PHE A 50 3.79 30.58 -5.57
C PHE A 50 4.92 29.71 -6.04
N PHE A 51 4.59 28.56 -6.63
CA PHE A 51 5.58 27.59 -7.10
C PHE A 51 5.15 27.01 -8.43
N ILE A 52 6.08 26.90 -9.38
CA ILE A 52 5.77 26.32 -10.70
C ILE A 52 6.90 25.39 -11.19
N ARG A 53 6.50 24.24 -11.70
CA ARG A 53 7.40 23.35 -12.39
C ARG A 53 6.87 23.14 -13.82
N VAL A 54 7.73 23.35 -14.80
CA VAL A 54 7.37 23.19 -16.20
C VAL A 54 8.47 22.43 -16.90
N GLU A 55 8.07 21.49 -17.75
CA GLU A 55 9.00 20.83 -18.65
C GLU A 55 8.66 21.26 -20.07
N PHE A 56 9.68 21.55 -20.88
CA PHE A 56 9.45 21.91 -22.27
C PHE A 56 10.47 21.30 -23.22
N ARG A 57 10.08 21.20 -24.49
CA ARG A 57 10.99 20.84 -25.57
C ARG A 57 11.57 22.14 -26.14
N GLN A 58 12.89 22.21 -26.24
CA GLN A 58 13.52 23.40 -26.81
C GLN A 58 13.29 23.49 -28.31
N PRO A 59 13.35 24.71 -28.87
CA PRO A 59 13.32 24.88 -30.31
C PRO A 59 14.68 24.61 -30.91
N ASP A 60 14.75 24.57 -32.24
CA ASP A 60 16.01 24.55 -32.94
C ASP A 60 16.63 25.93 -32.81
N ASP A 61 17.95 26.00 -32.72
CA ASP A 61 18.64 27.25 -32.42
C ASP A 61 18.10 27.82 -31.12
N PHE A 62 18.36 27.12 -30.01
CA PHE A 62 17.87 27.55 -28.72
C PHE A 62 18.87 28.47 -28.02
N ASP A 63 18.52 29.73 -27.88
CA ASP A 63 19.35 30.70 -27.18
C ASP A 63 19.12 30.58 -25.67
N GLU A 64 20.00 29.84 -25.00
CA GLU A 64 19.89 29.58 -23.56
C GLU A 64 20.24 30.81 -22.74
N ALA A 65 21.32 31.49 -23.11
CA ALA A 65 21.80 32.68 -22.40
C ALA A 65 20.74 33.77 -22.40
N GLY A 66 20.26 34.10 -23.59
CA GLY A 66 19.24 35.13 -23.76
C GLY A 66 17.87 34.73 -23.24
N PHE A 67 17.61 33.43 -23.17
CA PHE A 67 16.38 32.92 -22.53
C PHE A 67 16.40 33.22 -21.03
N ARG A 68 17.53 32.93 -20.38
CA ARG A 68 17.69 33.22 -18.94
C ARG A 68 17.60 34.71 -18.69
N ALA A 69 18.39 35.49 -19.43
CA ALA A 69 18.40 36.95 -19.31
C ALA A 69 17.00 37.57 -19.43
N GLY A 70 16.26 37.18 -20.46
CA GLY A 70 14.89 37.66 -20.66
C GLY A 70 13.92 37.15 -19.60
N LEU A 71 14.19 35.99 -19.04
CA LEU A 71 13.40 35.49 -17.92
C LEU A 71 13.74 36.25 -16.63
N ALA A 72 15.04 36.51 -16.41
CA ALA A 72 15.50 37.34 -15.29
C ALA A 72 14.83 38.71 -15.31
N GLU A 73 14.78 39.30 -16.50
CA GLU A 73 14.19 40.62 -16.72
C GLU A 73 12.72 40.69 -16.31
N ARG A 74 11.91 39.76 -16.82
CA ARG A 74 10.47 39.70 -16.50
C ARG A 74 10.17 39.26 -15.07
N SER A 75 11.08 38.49 -14.48
CA SER A 75 10.88 37.97 -13.13
C SER A 75 11.00 39.07 -12.08
N GLU A 76 11.71 40.14 -12.43
CA GLU A 76 11.96 41.24 -11.47
C GLU A 76 10.69 41.81 -10.85
N ALA A 77 9.68 42.08 -11.68
CA ALA A 77 8.41 42.64 -11.20
C ALA A 77 7.70 41.74 -10.18
N PHE A 78 7.92 40.43 -10.28
CA PHE A 78 7.27 39.47 -9.41
C PHE A 78 8.11 39.08 -8.19
N GLY A 79 9.38 39.47 -8.19
CA GLY A 79 10.32 39.00 -7.18
C GLY A 79 10.55 37.52 -7.33
N ALA A 81 12.31 33.99 -8.43
CA ALA A 81 13.55 33.27 -8.65
C ALA A 81 13.23 32.05 -9.51
N PHE A 82 14.16 31.66 -10.37
CA PHE A 82 13.96 30.50 -11.23
C PHE A 82 15.22 29.68 -11.37
N GLU A 83 15.04 28.43 -11.79
CA GLU A 83 16.14 27.53 -12.07
C GLU A 83 15.78 26.75 -13.33
N LEU A 84 16.77 26.60 -14.21
CA LEU A 84 16.60 25.96 -15.50
C LEU A 84 17.62 24.84 -15.67
N THR A 85 17.13 23.66 -16.06
CA THR A 85 17.91 22.43 -16.08
C THR A 85 17.88 21.82 -17.49
N ALA A 86 19.05 21.66 -18.10
CA ALA A 86 19.17 21.06 -19.43
C ALA A 86 18.71 19.58 -19.42
N PRO A 87 18.31 19.04 -20.59
CA PRO A 87 17.68 17.71 -20.73
C PRO A 87 18.46 16.56 -20.11
N ASN A 88 19.77 16.57 -20.32
CA ASN A 88 20.61 15.42 -20.02
C ASN A 88 21.25 15.50 -18.63
N HIS A 89 20.86 16.52 -17.85
CA HIS A 89 21.60 16.89 -16.64
C HIS A 89 21.56 15.82 -15.56
N ARG A 90 22.75 15.48 -15.06
CA ARG A 90 22.92 14.50 -14.01
C ARG A 90 23.64 15.16 -12.84
N PRO A 91 22.94 15.42 -11.72
CA PRO A 91 23.59 16.07 -10.60
C PRO A 91 24.78 15.28 -10.09
N LYS A 92 25.88 15.99 -9.80
CA LYS A 92 27.03 15.38 -9.14
C LYS A 92 26.78 15.36 -7.64
N VAL A 93 27.04 14.21 -7.04
CA VAL A 93 26.61 13.95 -5.67
C VAL A 93 27.77 13.43 -4.84
N VAL A 94 27.85 13.90 -3.61
CA VAL A 94 28.78 13.37 -2.62
C VAL A 94 27.92 12.70 -1.59
N ILE A 95 28.22 11.44 -1.28
CA ILE A 95 27.51 10.74 -0.21
C ILE A 95 28.41 10.68 1.00
N VAL A 97 29.06 9.06 4.80
CA VAL A 97 28.74 7.82 5.49
C VAL A 97 29.61 7.64 6.73
N SER A 98 29.10 6.88 7.70
CA SER A 98 29.90 6.47 8.85
C SER A 98 30.03 4.94 8.78
N LYS A 99 29.41 4.20 9.68
CA LYS A 99 29.55 2.74 9.70
C LYS A 99 28.35 1.97 9.13
N ALA A 100 27.16 2.57 9.21
CA ALA A 100 25.95 1.96 8.64
C ALA A 100 26.00 2.01 7.11
N ASP A 101 25.95 0.86 6.45
CA ASP A 101 26.14 0.81 4.98
C ASP A 101 24.84 0.66 4.19
N HIS A 102 23.71 0.63 4.88
CA HIS A 102 22.46 0.28 4.23
C HIS A 102 21.97 1.35 3.24
N CYS A 103 22.02 2.61 3.64
CA CYS A 103 21.62 3.70 2.75
C CYS A 103 22.60 3.88 1.58
N LEU A 104 23.91 3.73 1.85
CA LEU A 104 24.92 3.83 0.77
C LEU A 104 24.70 2.75 -0.29
N ASN A 105 24.54 1.50 0.15
CA ASN A 105 24.23 0.39 -0.76
C ASN A 105 22.98 0.65 -1.58
N ASP A 106 21.95 1.19 -0.94
CA ASP A 106 20.69 1.43 -1.63
C ASP A 106 20.85 2.50 -2.71
N LEU A 107 21.49 3.60 -2.37
CA LEU A 107 21.66 4.71 -3.31
C LEU A 107 22.52 4.31 -4.52
N LEU A 108 23.61 3.58 -4.27
CA LEU A 108 24.50 3.20 -5.34
C LEU A 108 23.86 2.13 -6.22
N TYR A 109 23.04 1.25 -5.62
CA TYR A 109 22.29 0.26 -6.39
C TYR A 109 21.30 0.96 -7.32
N ARG A 110 20.54 1.90 -6.77
CA ARG A 110 19.56 2.66 -7.55
C ARG A 110 20.21 3.56 -8.60
N GLN A 111 21.38 4.11 -8.27
CA GLN A 111 22.17 4.83 -9.25
C GLN A 111 22.51 3.91 -10.42
N ARG A 112 23.12 2.76 -10.11
CA ARG A 112 23.63 1.84 -11.12
C ARG A 112 22.55 1.33 -12.09
N ILE A 113 21.35 1.02 -11.58
CA ILE A 113 20.26 0.51 -12.44
C ILE A 113 19.53 1.63 -13.20
N GLY A 114 19.85 2.89 -12.89
CA GLY A 114 19.36 4.02 -13.67
C GLY A 114 18.12 4.64 -13.10
N GLN A 115 17.73 4.20 -11.90
CA GLN A 115 16.59 4.75 -11.19
C GLN A 115 16.84 6.19 -10.67
N LEU A 116 18.07 6.45 -10.23
CA LEU A 116 18.46 7.79 -9.81
C LEU A 116 19.46 8.35 -10.82
N GLY A 117 19.02 9.33 -11.60
CA GLY A 117 19.84 9.93 -12.65
C GLY A 117 20.83 10.91 -12.06
N ASP A 119 25.25 11.16 -10.63
CA ASP A 119 26.57 10.54 -10.62
C ASP A 119 27.22 10.81 -9.26
N VAL A 120 27.58 9.73 -8.57
CA VAL A 120 28.21 9.86 -7.26
C VAL A 120 29.70 10.07 -7.48
N VAL A 121 30.17 11.29 -7.20
CA VAL A 121 31.55 11.66 -7.46
C VAL A 121 32.49 11.40 -6.28
N ALA A 122 31.93 11.13 -5.11
CA ALA A 122 32.76 10.80 -3.95
C ALA A 122 31.93 10.22 -2.83
N VAL A 123 32.54 9.35 -2.02
CA VAL A 123 31.97 8.93 -0.75
C VAL A 123 32.92 9.43 0.34
N VAL A 124 32.42 10.32 1.21
CA VAL A 124 33.22 10.92 2.28
C VAL A 124 32.84 10.33 3.63
N SER A 125 33.84 10.00 4.46
CA SER A 125 33.61 9.31 5.71
C SER A 125 34.50 9.79 6.84
N ASN A 126 33.98 9.68 8.07
CA ASN A 126 34.74 9.93 9.30
C ASN A 126 35.41 8.65 9.79
N HIS A 127 35.22 7.55 9.05
CA HIS A 127 35.78 6.25 9.38
C HIS A 127 36.32 5.56 8.13
N PRO A 128 37.21 4.57 8.31
CA PRO A 128 37.78 3.83 7.18
C PRO A 128 36.95 2.63 6.70
N ASP A 129 35.88 2.30 7.42
CA ASP A 129 35.21 1.00 7.26
C ASP A 129 34.59 0.75 5.88
N LEU A 130 33.89 1.74 5.32
CA LEU A 130 33.15 1.55 4.06
C LEU A 130 33.95 1.78 2.77
N GLU A 131 35.26 1.94 2.88
CA GLU A 131 36.16 2.09 1.71
C GLU A 131 36.04 0.93 0.69
N PRO A 132 36.05 -0.34 1.17
CA PRO A 132 35.91 -1.46 0.23
C PRO A 132 34.62 -1.42 -0.61
N LEU A 133 33.53 -0.95 -0.01
CA LEU A 133 32.25 -0.82 -0.69
C LEU A 133 32.30 0.27 -1.77
N ALA A 134 32.90 1.41 -1.43
CA ALA A 134 33.12 2.50 -2.39
C ALA A 134 34.06 2.08 -3.52
N HIS A 135 35.12 1.35 -3.18
CA HIS A 135 36.12 0.93 -4.16
C HIS A 135 35.53 -0.08 -5.14
N TRP A 136 34.71 -1.00 -4.64
CA TRP A 136 34.04 -1.97 -5.51
C TRP A 136 33.19 -1.28 -6.58
N HIS A 137 32.60 -0.12 -6.23
CA HIS A 137 31.83 0.67 -7.22
C HIS A 137 32.70 1.61 -8.06
N LYS A 138 34.02 1.58 -7.84
CA LYS A 138 34.99 2.48 -8.48
C LYS A 138 34.71 3.96 -8.20
N ILE A 139 34.25 4.26 -7.00
CA ILE A 139 33.97 5.64 -6.58
C ILE A 139 35.06 6.07 -5.60
N PRO A 140 35.72 7.21 -5.84
CA PRO A 140 36.73 7.75 -4.92
C PRO A 140 36.22 7.83 -3.48
N TYR A 141 37.04 7.39 -2.53
CA TYR A 141 36.66 7.34 -1.11
C TYR A 141 37.62 8.20 -0.29
N TYR A 142 37.09 8.90 0.72
CA TYR A 142 37.89 9.79 1.57
C TYR A 142 37.61 9.55 3.06
N HIS A 143 38.63 9.16 3.80
CA HIS A 143 38.51 8.93 5.23
C HIS A 143 39.16 10.10 5.96
N PHE A 144 38.33 11.02 6.45
CA PHE A 144 38.80 12.16 7.23
C PHE A 144 38.46 11.98 8.71
N ALA A 145 39.37 11.36 9.44
CA ALA A 145 39.20 11.15 10.89
C ALA A 145 39.01 12.48 11.62
N LEU A 146 38.22 12.45 12.70
CA LEU A 146 38.01 13.64 13.53
C LEU A 146 39.02 13.66 14.68
N ASP A 147 39.69 14.79 14.83
CA ASP A 147 40.37 15.13 16.08
C ASP A 147 39.38 16.00 16.84
N PRO A 148 38.88 15.51 18.00
CA PRO A 148 37.87 16.28 18.76
C PRO A 148 38.27 17.73 19.04
N LYS A 149 39.57 17.99 19.18
CA LYS A 149 40.08 19.35 19.38
C LYS A 149 39.94 20.22 18.15
N ASP A 150 39.97 19.61 16.96
CA ASP A 150 39.89 20.35 15.69
C ASP A 150 38.72 19.84 14.83
N LYS A 151 37.51 20.28 15.19
CA LYS A 151 36.32 20.00 14.39
C LYS A 151 36.32 20.78 13.07
N PRO A 152 36.73 22.07 13.10
CA PRO A 152 36.78 22.80 11.82
C PRO A 152 37.77 22.21 10.81
N GLY A 153 38.77 21.46 11.31
CA GLY A 153 39.78 20.86 10.45
C GLY A 153 39.28 19.67 9.65
N GLN A 154 38.45 18.84 10.29
CA GLN A 154 37.82 17.70 9.62
C GLN A 154 36.83 18.19 8.57
N GLU A 155 36.10 19.26 8.86
CA GLU A 155 35.07 19.78 7.98
C GLU A 155 35.61 20.55 6.78
N ARG A 156 36.79 21.15 6.94
CA ARG A 156 37.47 21.81 5.82
C ARG A 156 37.86 20.78 4.75
N LYS A 157 38.31 19.61 5.19
CA LYS A 157 38.64 18.53 4.27
C LYS A 157 37.40 18.01 3.54
N VAL A 158 36.31 17.80 4.28
CA VAL A 158 35.02 17.42 3.68
C VAL A 158 34.60 18.44 2.63
N LEU A 159 34.59 19.71 3.01
CA LEU A 159 34.12 20.78 2.13
C LEU A 159 35.03 20.96 0.89
N GLN A 160 36.31 20.67 1.04
CA GLN A 160 37.28 20.69 -0.06
C GLN A 160 36.90 19.66 -1.14
N VAL A 161 36.67 18.42 -0.71
CA VAL A 161 36.21 17.36 -1.61
C VAL A 161 34.92 17.72 -2.36
N ILE A 162 33.96 18.30 -1.65
CA ILE A 162 32.69 18.77 -2.24
C ILE A 162 32.93 19.85 -3.30
N GLU A 163 33.79 20.82 -2.96
CA GLU A 163 34.19 21.89 -3.89
C GLU A 163 34.93 21.36 -5.12
N GLU A 164 35.98 20.57 -4.89
CA GLU A 164 36.82 20.04 -5.98
C GLU A 164 36.07 19.14 -6.99
N THR A 165 35.17 18.30 -6.49
CA THR A 165 34.38 17.41 -7.37
C THR A 165 33.24 18.13 -8.06
N GLY A 166 32.94 19.36 -7.64
CA GLY A 166 31.83 20.13 -8.20
C GLY A 166 30.47 19.55 -7.85
N ALA A 167 30.38 18.96 -6.65
CA ALA A 167 29.15 18.32 -6.20
C ALA A 167 28.07 19.38 -6.01
N GLU A 168 26.86 19.10 -6.47
CA GLU A 168 25.71 20.01 -6.29
C GLU A 168 24.67 19.46 -5.31
N LEU A 169 24.86 18.21 -4.86
CA LEU A 169 24.04 17.64 -3.79
C LEU A 169 24.92 16.84 -2.85
N VAL A 170 24.66 16.95 -1.55
CA VAL A 170 25.32 16.12 -0.56
C VAL A 170 24.25 15.28 0.11
N ILE A 171 24.50 13.98 0.23
CA ILE A 171 23.57 13.07 0.88
C ILE A 171 24.20 12.53 2.13
N LEU A 172 23.61 12.84 3.29
CA LEU A 172 24.02 12.22 4.54
C LEU A 172 23.30 10.87 4.69
N ALA A 173 24.02 9.81 4.36
CA ALA A 173 23.49 8.44 4.41
C ALA A 173 23.88 7.77 5.74
N ARG A 174 23.32 8.28 6.83
CA ARG A 174 23.66 7.90 8.21
C ARG A 174 25.11 8.27 8.58
N TYR A 175 25.48 9.49 8.21
CA TYR A 175 26.72 10.11 8.69
C TYR A 175 26.43 10.58 10.10
N GLN A 177 28.52 11.95 12.56
CA GLN A 177 29.26 13.07 13.15
C GLN A 177 28.43 14.34 13.00
N VAL A 178 28.20 15.02 14.11
CA VAL A 178 27.36 16.21 14.14
C VAL A 178 27.99 17.29 13.28
N LEU A 179 27.19 17.91 12.41
CA LEU A 179 27.67 19.00 11.58
C LEU A 179 27.69 20.29 12.41
N SER A 180 28.73 21.09 12.21
CA SER A 180 28.80 22.38 12.89
C SER A 180 27.74 23.31 12.29
N PRO A 181 27.39 24.39 13.02
CA PRO A 181 26.49 25.40 12.45
C PRO A 181 27.05 26.10 11.21
N GLU A 182 28.38 26.20 11.11
CA GLU A 182 29.05 26.81 9.96
C GLU A 182 28.83 25.94 8.73
N LEU A 183 29.03 24.63 8.88
CA LEU A 183 28.81 23.70 7.77
C LEU A 183 27.33 23.63 7.37
N CYS A 184 26.42 23.65 8.36
CA CYS A 184 24.97 23.62 8.10
C CYS A 184 24.52 24.81 7.24
N ARG A 185 24.99 26.01 7.59
CA ARG A 185 24.73 27.22 6.78
C ARG A 185 25.28 27.08 5.36
N ARG A 186 26.50 26.54 5.24
CA ARG A 186 27.15 26.33 3.95
C ARG A 186 26.39 25.34 3.04
N LEU A 187 25.85 24.28 3.63
CA LEU A 187 25.13 23.25 2.86
C LEU A 187 23.64 23.54 2.68
N ASP A 188 23.20 24.75 3.03
CA ASP A 188 21.77 25.05 3.15
C ASP A 188 21.02 24.90 1.83
N GLY A 189 20.05 23.99 1.80
CA GLY A 189 19.21 23.76 0.63
C GLY A 189 19.72 22.76 -0.40
N TRP A 190 20.85 22.11 -0.12
CA TRP A 190 21.37 21.08 -1.03
C TRP A 190 22.09 19.91 -0.33
N ALA A 191 21.76 19.69 0.94
CA ALA A 191 22.24 18.52 1.70
C ALA A 191 21.06 17.83 2.34
N ILE A 192 20.89 16.54 2.04
CA ILE A 192 19.72 15.77 2.46
C ILE A 192 20.12 14.71 3.50
N ASN A 193 19.42 14.70 4.62
CA ASN A 193 19.72 13.78 5.73
C ASN A 193 18.60 12.78 5.90
N ILE A 194 18.89 11.63 6.49
CA ILE A 194 17.88 10.64 6.81
C ILE A 194 18.04 10.21 8.27
N HIS A 195 16.92 10.09 8.98
CA HIS A 195 16.90 9.50 10.31
C HIS A 195 15.56 8.82 10.59
N HIS A 196 15.56 7.92 11.56
CA HIS A 196 14.36 7.20 11.96
C HIS A 196 13.42 8.15 12.69
N SER A 197 12.12 7.85 12.66
CA SER A 197 11.14 8.66 13.37
C SER A 197 10.36 7.85 14.42
N LEU A 198 11.04 6.88 15.04
N LEU A 198 11.04 6.92 15.07
CA LEU A 198 10.41 5.91 15.93
CA LEU A 198 10.49 6.19 16.21
C LEU A 198 9.48 6.49 16.98
C LEU A 198 10.20 7.12 17.37
N LEU A 199 10.08 6.95 18.08
N LEU A 199 9.23 6.73 18.20
CA LEU A 199 9.30 7.42 19.22
CA LEU A 199 8.98 7.41 19.47
C LEU A 199 9.55 8.91 19.43
C LEU A 199 9.46 8.86 19.47
N PRO A 200 8.69 9.76 18.85
CA PRO A 200 8.92 11.21 18.93
C PRO A 200 9.17 11.72 20.36
N GLY A 201 10.35 12.28 20.58
CA GLY A 201 10.72 12.84 21.88
C GLY A 201 11.15 11.82 22.92
N PHE A 202 11.71 10.69 22.47
CA PHE A 202 12.37 9.73 23.36
C PHE A 202 13.84 9.74 22.97
N LYS A 203 14.70 10.26 23.85
CA LYS A 203 16.11 10.47 23.50
C LYS A 203 17.04 9.36 24.01
N GLY A 204 16.49 8.17 24.28
CA GLY A 204 17.28 7.06 24.80
C GLY A 204 18.18 6.44 23.76
N ALA A 205 19.21 5.73 24.21
CA ALA A 205 20.23 5.15 23.32
C ALA A 205 19.77 3.90 22.55
N LYS A 206 18.66 3.30 22.99
CA LYS A 206 18.09 2.13 22.32
C LYS A 206 16.62 2.41 21.99
N PRO A 207 16.37 3.16 20.91
CA PRO A 207 14.99 3.54 20.57
C PRO A 207 14.16 2.39 19.99
N TYR A 208 14.83 1.44 19.34
CA TYR A 208 14.17 0.28 18.78
C TYR A 208 13.79 -0.74 19.85
N HIS A 209 14.57 -0.83 20.93
CA HIS A 209 14.20 -1.69 22.07
CA HIS A 209 14.20 -1.69 22.07
C HIS A 209 13.03 -1.05 22.81
N GLN A 210 13.01 0.27 22.84
CA GLN A 210 11.90 1.03 23.44
C GLN A 210 10.64 0.86 22.61
N ALA A 211 10.76 0.88 21.28
CA ALA A 211 9.61 0.66 20.41
C ALA A 211 9.06 -0.77 20.54
N TYR A 212 9.96 -1.75 20.58
CA TYR A 212 9.57 -3.13 20.92
C TYR A 212 8.74 -3.23 22.20
N ASN A 213 9.26 -2.66 23.29
CA ASN A 213 8.61 -2.81 24.61
C ASN A 213 7.26 -2.13 24.67
N LYS A 214 7.09 -1.09 23.87
CA LYS A 214 5.88 -0.29 23.82
C LYS A 214 4.84 -0.91 22.87
N GLY A 215 5.32 -1.75 21.94
CA GLY A 215 4.46 -2.56 21.10
C GLY A 215 3.99 -1.89 19.82
N VAL A 216 4.83 -1.06 19.21
CA VAL A 216 4.40 -0.35 18.02
C VAL A 216 4.14 -1.34 16.89
N LYS A 217 3.30 -0.93 15.94
CA LYS A 217 2.98 -1.76 14.79
C LYS A 217 3.50 -1.11 13.52
N VAL A 219 7.28 1.27 12.21
CA VAL A 219 8.51 2.04 12.40
C VAL A 219 8.63 3.03 11.24
N GLY A 220 9.21 4.21 11.48
CA GLY A 220 9.15 5.30 10.50
C GLY A 220 10.48 5.98 10.22
N ALA A 221 10.49 6.88 9.23
CA ALA A 221 11.69 7.62 8.87
C ALA A 221 11.37 8.94 8.21
N THR A 222 12.27 9.91 8.37
CA THR A 222 12.13 11.25 7.76
C THR A 222 13.39 11.61 7.00
N ALA A 223 13.22 12.04 5.75
CA ALA A 223 14.32 12.61 4.98
C ALA A 223 14.08 14.08 5.02
N HIS A 224 15.11 14.87 5.36
CA HIS A 224 14.99 16.33 5.41
C HIS A 224 16.20 17.05 4.87
N TYR A 225 16.01 18.31 4.48
CA TYR A 225 17.12 19.22 4.21
C TYR A 225 17.82 19.59 5.52
N ILE A 226 19.13 19.82 5.45
CA ILE A 226 19.94 20.19 6.62
C ILE A 226 19.83 21.70 6.85
N ASN A 227 19.56 22.09 8.10
CA ASN A 227 19.70 23.46 8.59
C ASN A 227 20.27 23.41 10.02
N ASN A 228 20.23 24.53 10.75
CA ASN A 228 20.82 24.60 12.11
C ASN A 228 20.09 23.82 13.19
N ASP A 229 18.82 23.49 12.95
CA ASP A 229 18.04 22.65 13.87
C ASP A 229 18.37 21.19 13.63
N LEU A 230 19.04 20.56 14.59
CA LEU A 230 19.50 19.16 14.49
C LEU A 230 18.33 18.21 14.21
N ASP A 231 18.42 17.47 13.11
CA ASP A 231 17.41 16.45 12.72
C ASP A 231 16.03 16.99 12.34
N GLU A 232 15.76 18.24 12.68
CA GLU A 232 14.57 18.92 12.23
C GLU A 232 15.04 19.70 11.02
N GLY A 233 14.27 20.65 10.53
CA GLY A 233 14.62 21.27 9.26
C GLY A 233 13.77 20.65 8.18
N PRO A 234 13.74 21.29 7.00
CA PRO A 234 12.66 21.07 6.03
C PRO A 234 12.40 19.61 5.63
N ILE A 235 11.23 19.09 5.99
CA ILE A 235 10.84 17.73 5.66
C ILE A 235 10.53 17.58 4.16
N ILE A 236 11.21 16.62 3.52
CA ILE A 236 10.99 16.30 2.09
C ILE A 236 10.08 15.09 1.93
N ALA A 237 10.37 14.04 2.69
CA ALA A 237 9.60 12.80 2.63
C ALA A 237 9.56 12.09 3.99
N GLN A 238 8.47 11.36 4.23
CA GLN A 238 8.34 10.51 5.41
C GLN A 238 7.65 9.22 4.99
N GLY A 239 7.97 8.13 5.66
CA GLY A 239 7.31 6.85 5.40
C GLY A 239 7.35 5.94 6.61
N VAL A 240 6.52 4.89 6.57
CA VAL A 240 6.54 3.86 7.61
C VAL A 240 6.54 2.48 7.00
N GLU A 241 6.95 1.53 7.80
CA GLU A 241 6.97 0.12 7.47
C GLU A 241 6.15 -0.60 8.55
N VAL A 242 5.27 -1.50 8.13
CA VAL A 242 4.49 -2.31 9.05
C VAL A 242 5.42 -3.26 9.78
N VAL A 243 5.31 -3.32 11.11
CA VAL A 243 5.96 -4.38 11.89
C VAL A 243 4.92 -5.03 12.79
N ASP A 244 5.29 -6.12 13.45
CA ASP A 244 4.36 -6.80 14.35
C ASP A 244 5.07 -7.47 15.53
N HIS A 245 4.27 -8.12 16.38
CA HIS A 245 4.76 -8.82 17.57
C HIS A 245 5.97 -9.77 17.36
N SER A 246 6.07 -10.38 16.18
CA SER A 246 7.16 -11.34 15.91
C SER A 246 8.48 -10.65 15.55
N HIS A 247 8.42 -9.34 15.34
CA HIS A 247 9.62 -8.54 15.11
C HIS A 247 10.31 -8.18 16.44
N TYR A 248 11.37 -8.91 16.77
CA TYR A 248 12.20 -8.59 17.92
C TYR A 248 13.05 -7.35 17.59
N PRO A 249 13.75 -6.78 18.59
CA PRO A 249 14.52 -5.55 18.40
C PRO A 249 15.39 -5.54 17.14
N GLU A 250 16.10 -6.62 16.89
CA GLU A 250 17.00 -6.69 15.74
C GLU A 250 16.20 -6.67 14.44
N ASP A 251 15.04 -7.32 14.46
CA ASP A 251 14.12 -7.30 13.33
C ASP A 251 13.59 -5.89 13.10
N LEU A 252 13.23 -5.22 14.20
CA LEU A 252 12.75 -3.84 14.14
C LEU A 252 13.83 -2.92 13.61
N ILE A 253 15.03 -2.98 14.20
CA ILE A 253 16.17 -2.25 13.64
C ILE A 253 16.29 -2.53 12.16
N ALA A 254 16.17 -3.78 11.74
CA ALA A 254 16.23 -4.14 10.32
C ALA A 254 15.15 -3.45 9.47
N LYS A 255 13.91 -3.36 10.00
CA LYS A 255 12.81 -2.70 9.27
C LYS A 255 13.05 -1.20 9.19
N GLY A 256 13.73 -0.66 10.21
CA GLY A 256 14.11 0.73 10.25
C GLY A 256 15.03 1.04 9.09
N ARG A 257 16.00 0.15 8.85
CA ARG A 257 16.94 0.31 7.75
C ARG A 257 16.21 0.34 6.42
N ASP A 258 15.23 -0.56 6.26
CA ASP A 258 14.44 -0.62 5.05
C ASP A 258 13.78 0.73 4.79
N ILE A 259 13.14 1.29 5.82
CA ILE A 259 12.34 2.50 5.65
C ILE A 259 13.23 3.73 5.56
N GLU A 260 14.40 3.68 6.18
CA GLU A 260 15.38 4.73 5.95
C GLU A 260 15.83 4.71 4.49
N CYS A 261 16.11 3.52 3.97
CA CYS A 261 16.54 3.38 2.59
C CYS A 261 15.52 3.93 1.59
N LEU A 262 14.27 3.52 1.74
CA LEU A 262 13.21 3.90 0.81
C LEU A 262 12.91 5.38 0.89
N THR A 263 12.83 5.89 2.11
CA THR A 263 12.45 7.28 2.33
C THR A 263 13.53 8.25 1.81
N LEU A 264 14.80 7.93 2.08
CA LEU A 264 15.92 8.72 1.54
C LEU A 264 15.89 8.71 0.01
N ALA A 265 15.73 7.54 -0.59
CA ALA A 265 15.78 7.40 -2.04
C ALA A 265 14.66 8.19 -2.74
N ARG A 266 13.45 8.18 -2.17
CA ARG A 266 12.35 8.99 -2.70
C ARG A 266 12.69 10.49 -2.60
N ALA A 267 13.16 10.93 -1.43
CA ALA A 267 13.58 12.31 -1.24
C ALA A 267 14.62 12.72 -2.29
N VAL A 268 15.70 11.93 -2.42
CA VAL A 268 16.78 12.23 -3.34
C VAL A 268 16.25 12.28 -4.78
N GLY A 269 15.39 11.32 -5.12
CA GLY A 269 14.69 11.31 -6.41
C GLY A 269 13.88 12.57 -6.69
N TYR A 270 13.08 12.98 -5.69
CA TYR A 270 12.32 14.22 -5.82
C TYR A 270 13.25 15.40 -6.09
N HIS A 271 14.37 15.47 -5.36
CA HIS A 271 15.29 16.60 -5.48
C HIS A 271 15.97 16.67 -6.84
N ILE A 272 16.44 15.51 -7.33
CA ILE A 272 17.19 15.48 -8.60
C ILE A 272 16.27 15.65 -9.82
N GLU A 273 14.99 15.37 -9.64
CA GLU A 273 14.00 15.61 -10.70
C GLU A 273 13.49 17.07 -10.70
N ARG A 274 14.05 17.91 -9.83
CA ARG A 274 13.71 19.33 -9.76
C ARG A 274 12.28 19.53 -9.27
N ARG A 275 11.88 18.73 -8.28
CA ARG A 275 10.48 18.71 -7.84
C ARG A 275 10.25 19.40 -6.53
N VAL A 276 11.32 19.63 -5.77
CA VAL A 276 11.23 20.09 -4.41
C VAL A 276 11.55 21.57 -4.32
N PHE A 277 10.69 22.30 -3.62
CA PHE A 277 10.87 23.75 -3.34
C PHE A 277 10.82 23.95 -1.84
N LEU A 278 11.59 24.92 -1.36
CA LEU A 278 11.51 25.35 0.03
C LEU A 278 10.36 26.35 0.14
N ASN A 279 9.52 26.17 1.15
CA ASN A 279 8.33 26.99 1.33
C ASN A 279 8.24 27.34 2.80
N ALA A 280 8.70 28.54 3.16
CA ALA A 280 8.98 28.93 4.55
C ALA A 280 9.90 27.85 5.19
N ASN A 281 9.41 27.08 6.14
CA ASN A 281 10.22 26.07 6.84
C ASN A 281 9.86 24.63 6.42
N ARG A 282 9.12 24.50 5.31
CA ARG A 282 8.66 23.20 4.82
C ARG A 282 8.93 23.04 3.32
N THR A 283 8.41 21.99 2.70
CA THR A 283 8.63 21.77 1.27
C THR A 283 7.33 21.55 0.55
N VAL A 284 7.32 22.03 -0.70
CA VAL A 284 6.33 21.67 -1.70
C VAL A 284 7.02 20.74 -2.68
N VAL A 285 6.36 19.63 -3.02
CA VAL A 285 6.89 18.66 -3.96
C VAL A 285 5.93 18.55 -5.16
N LEU A 286 6.27 19.16 -6.30
CA LEU A 286 5.38 19.14 -7.46
C LEU A 286 5.58 17.94 -8.38
N ASP B 7 -19.09 -21.98 10.21
CA ASP B 7 -19.38 -23.33 10.76
C ASP B 7 -18.29 -23.84 11.73
N THR B 8 -17.32 -22.99 12.07
CA THR B 8 -16.19 -23.41 12.90
C THR B 8 -16.12 -22.70 14.25
N TRP B 9 -15.67 -23.44 15.26
CA TRP B 9 -15.38 -22.87 16.59
C TRP B 9 -14.00 -22.22 16.59
N ILE B 10 -13.82 -21.27 17.49
CA ILE B 10 -12.54 -20.63 17.69
C ILE B 10 -12.09 -20.86 19.14
N LEU B 11 -10.88 -21.39 19.30
CA LEU B 11 -10.27 -21.53 20.63
C LEU B 11 -8.96 -20.76 20.66
N THR B 12 -8.84 -19.89 21.65
CA THR B 12 -7.61 -19.14 21.89
C THR B 12 -7.04 -19.57 23.24
N ALA B 13 -5.72 -19.66 23.33
CA ALA B 13 -5.05 -20.02 24.58
C ALA B 13 -3.88 -19.09 24.80
N ASP B 14 -3.67 -18.74 26.06
CA ASP B 14 -2.57 -17.89 26.51
C ASP B 14 -2.04 -18.55 27.80
N CYS B 15 -0.74 -18.87 27.83
CA CYS B 15 -0.13 -19.43 29.02
C CYS B 15 1.38 -19.16 29.05
N PRO B 16 2.01 -19.26 30.25
CA PRO B 16 3.48 -19.15 30.32
C PRO B 16 4.17 -20.15 29.38
N SER B 17 5.31 -19.76 28.84
CA SER B 17 6.06 -20.57 27.88
C SER B 17 6.68 -21.81 28.52
N LEU B 19 7.83 -26.24 27.39
CA LEU B 19 7.89 -27.34 26.41
C LEU B 19 6.61 -28.16 26.59
N GLY B 20 5.79 -28.21 25.55
CA GLY B 20 4.54 -28.98 25.60
C GLY B 20 3.29 -28.16 25.82
N THR B 21 3.35 -26.85 25.54
CA THR B 21 2.16 -25.99 25.62
C THR B 21 1.31 -26.18 24.38
N VAL B 22 1.91 -26.44 23.23
CA VAL B 22 1.15 -26.71 22.02
C VAL B 22 0.47 -28.06 22.21
N ASP B 23 1.24 -29.06 22.62
CA ASP B 23 0.72 -30.42 22.86
C ASP B 23 -0.54 -30.48 23.73
N VAL B 24 -0.59 -29.71 24.83
CA VAL B 24 -1.72 -29.75 25.74
CA VAL B 24 -1.73 -29.75 25.74
C VAL B 24 -3.03 -29.39 25.02
N VAL B 25 -2.98 -28.38 24.16
CA VAL B 25 -4.17 -27.96 23.41
C VAL B 25 -4.46 -28.93 22.25
N THR B 26 -3.45 -29.21 21.46
CA THR B 26 -3.61 -30.03 20.25
C THR B 26 -3.96 -31.48 20.59
N ARG B 27 -3.28 -32.05 21.59
CA ARG B 27 -3.61 -33.42 22.00
C ARG B 27 -5.04 -33.51 22.53
N TYR B 28 -5.42 -32.52 23.35
CA TYR B 28 -6.79 -32.45 23.82
C TYR B 28 -7.77 -32.34 22.65
N LEU B 29 -7.54 -31.39 21.74
CA LEU B 29 -8.41 -31.27 20.57
C LEU B 29 -8.56 -32.61 19.83
N PHE B 30 -7.45 -33.35 19.67
CA PHE B 30 -7.44 -34.66 19.03
C PHE B 30 -8.24 -35.72 19.83
N GLU B 31 -8.05 -35.77 21.15
CA GLU B 31 -8.83 -36.69 21.99
C GLU B 31 -10.34 -36.41 21.92
N GLN B 32 -10.69 -35.15 21.70
CA GLN B 32 -12.09 -34.71 21.69
C GLN B 32 -12.71 -34.77 20.29
N ARG B 33 -11.97 -35.33 19.33
CA ARG B 33 -12.42 -35.46 17.95
C ARG B 33 -12.85 -34.11 17.35
N CYS B 34 -12.10 -33.06 17.69
CA CYS B 34 -12.30 -31.75 17.10
C CYS B 34 -11.37 -31.61 15.92
N TYR B 35 -11.96 -31.49 14.73
CA TYR B 35 -11.21 -31.45 13.49
C TYR B 35 -10.64 -30.04 13.25
N VAL B 36 -9.32 -29.92 13.34
CA VAL B 36 -8.66 -28.63 13.23
C VAL B 36 -8.55 -28.21 11.77
N THR B 37 -9.00 -26.99 11.46
CA THR B 37 -8.95 -26.46 10.10
C THR B 37 -7.79 -25.47 9.91
N GLU B 38 -7.44 -24.75 10.96
CA GLU B 38 -6.18 -24.00 10.96
C GLU B 38 -5.72 -23.57 12.34
N HIS B 39 -4.44 -23.26 12.41
CA HIS B 39 -3.67 -23.26 13.64
C HIS B 39 -2.63 -22.14 13.47
N HIS B 40 -2.64 -21.15 14.34
CA HIS B 40 -1.58 -20.14 14.38
C HIS B 40 -1.12 -19.92 15.82
N SER B 41 0.19 -19.85 16.02
CA SER B 41 0.75 -19.69 17.35
C SER B 41 2.05 -18.88 17.33
N PHE B 42 2.40 -18.36 18.50
CA PHE B 42 3.59 -17.53 18.67
C PHE B 42 4.10 -17.66 20.13
N ASP B 43 5.40 -17.92 20.27
CA ASP B 43 6.06 -18.01 21.57
C ASP B 43 6.99 -16.80 21.69
N ASP B 44 6.60 -15.86 22.53
CA ASP B 44 7.36 -14.63 22.73
C ASP B 44 8.51 -14.95 23.68
N ARG B 45 9.74 -14.91 23.17
CA ARG B 45 10.91 -15.22 23.98
C ARG B 45 11.28 -14.09 24.96
N GLN B 46 10.77 -12.89 24.74
CA GLN B 46 11.01 -11.76 25.64
C GLN B 46 10.04 -11.72 26.83
N SER B 47 8.75 -11.95 26.60
CA SER B 47 7.74 -11.87 27.67
C SER B 47 7.48 -13.20 28.37
N GLY B 48 7.97 -14.30 27.79
CA GLY B 48 7.79 -15.63 28.37
C GLY B 48 6.38 -16.18 28.25
N ARG B 49 5.63 -15.71 27.25
CA ARG B 49 4.23 -16.10 27.05
C ARG B 49 4.06 -16.79 25.70
N PHE B 50 3.14 -17.75 25.67
CA PHE B 50 2.84 -18.52 24.48
C PHE B 50 1.40 -18.22 24.13
N PHE B 51 1.12 -18.09 22.84
CA PHE B 51 -0.21 -17.74 22.34
C PHE B 51 -0.61 -18.68 21.21
N ILE B 52 -1.86 -19.13 21.22
CA ILE B 52 -2.40 -20.01 20.16
C ILE B 52 -3.85 -19.68 19.82
N ARG B 53 -4.15 -19.69 18.53
CA ARG B 53 -5.50 -19.51 17.99
C ARG B 53 -5.78 -20.68 17.07
N VAL B 54 -6.87 -21.38 17.34
CA VAL B 54 -7.23 -22.57 16.57
CA VAL B 54 -7.24 -22.60 16.62
C VAL B 54 -8.68 -22.48 16.14
N GLU B 55 -8.93 -22.84 14.89
CA GLU B 55 -10.28 -22.96 14.36
C GLU B 55 -10.51 -24.46 14.18
N PHE B 56 -11.73 -24.90 14.48
CA PHE B 56 -12.07 -26.31 14.32
C PHE B 56 -13.54 -26.54 14.06
N ARG B 57 -13.86 -27.70 13.51
CA ARG B 57 -15.23 -28.10 13.25
C ARG B 57 -15.63 -29.03 14.38
N GLN B 58 -16.80 -28.77 14.98
CA GLN B 58 -17.26 -29.59 16.10
C GLN B 58 -17.63 -30.99 15.61
N PRO B 59 -17.50 -32.00 16.49
CA PRO B 59 -18.00 -33.32 16.16
C PRO B 59 -19.52 -33.39 16.32
N ASP B 60 -20.12 -34.48 15.82
CA ASP B 60 -21.54 -34.72 16.04
C ASP B 60 -21.78 -34.96 17.53
N ASP B 61 -22.86 -34.39 18.06
CA ASP B 61 -23.19 -34.51 19.48
C ASP B 61 -22.05 -33.99 20.35
N PHE B 62 -21.66 -32.75 20.09
CA PHE B 62 -20.55 -32.10 20.80
C PHE B 62 -20.99 -31.71 22.20
N ASP B 63 -20.35 -32.30 23.21
CA ASP B 63 -20.57 -31.93 24.60
C ASP B 63 -19.74 -30.67 24.92
N GLU B 64 -20.38 -29.52 24.89
CA GLU B 64 -19.68 -28.24 25.07
C GLU B 64 -19.21 -28.04 26.51
N ALA B 65 -20.07 -28.39 27.48
CA ALA B 65 -19.73 -28.28 28.89
C ALA B 65 -18.58 -29.21 29.24
N GLY B 66 -18.61 -30.43 28.70
CA GLY B 66 -17.56 -31.42 28.95
C GLY B 66 -16.22 -31.06 28.33
N PHE B 67 -16.28 -30.35 27.20
CA PHE B 67 -15.08 -29.89 26.51
C PHE B 67 -14.40 -28.77 27.30
N ARG B 68 -15.19 -27.78 27.72
CA ARG B 68 -14.69 -26.68 28.53
C ARG B 68 -14.14 -27.17 29.86
N ALA B 69 -14.87 -28.09 30.47
CA ALA B 69 -14.49 -28.68 31.74
C ALA B 69 -13.20 -29.49 31.60
N GLY B 70 -13.10 -30.24 30.50
CA GLY B 70 -11.92 -31.07 30.26
C GLY B 70 -10.70 -30.24 29.89
N LEU B 71 -10.95 -29.03 29.38
CA LEU B 71 -9.88 -28.10 29.03
C LEU B 71 -9.38 -27.34 30.26
N ALA B 72 -10.29 -27.00 31.17
CA ALA B 72 -9.93 -26.32 32.43
C ALA B 72 -9.06 -27.19 33.35
N GLU B 73 -9.29 -28.50 33.31
CA GLU B 73 -8.50 -29.46 34.08
C GLU B 73 -7.07 -29.61 33.52
N ARG B 74 -6.95 -29.66 32.18
CA ARG B 74 -5.64 -29.74 31.51
C ARG B 74 -4.82 -28.46 31.67
N SER B 75 -5.51 -27.35 31.86
CA SER B 75 -4.88 -26.03 31.90
C SER B 75 -4.31 -25.67 33.27
N GLU B 76 -4.93 -26.16 34.35
CA GLU B 76 -4.47 -25.86 35.71
C GLU B 76 -2.98 -26.15 35.88
N ALA B 77 -2.54 -27.26 35.31
CA ALA B 77 -1.12 -27.65 35.32
C ALA B 77 -0.20 -26.67 34.55
N PHE B 78 -0.76 -25.90 33.62
CA PHE B 78 0.02 -24.94 32.82
C PHE B 78 -0.21 -23.47 33.18
N GLY B 79 -1.22 -23.18 33.99
CA GLY B 79 -1.59 -21.78 34.29
C GLY B 79 -2.12 -21.10 33.04
N ALA B 81 -4.94 -19.81 30.22
CA ALA B 81 -6.24 -19.15 30.07
C ALA B 81 -6.69 -19.33 28.64
N PHE B 82 -7.87 -19.92 28.45
CA PHE B 82 -8.43 -20.14 27.13
C PHE B 82 -9.78 -19.45 26.99
N GLU B 83 -10.18 -19.23 25.74
CA GLU B 83 -11.50 -18.70 25.43
C GLU B 83 -12.05 -19.47 24.23
N LEU B 84 -13.25 -20.01 24.38
CA LEU B 84 -13.89 -20.78 23.34
C LEU B 84 -15.12 -20.04 22.82
N THR B 85 -15.13 -19.75 21.53
CA THR B 85 -16.19 -18.98 20.88
C THR B 85 -16.97 -19.83 19.90
N ALA B 86 -18.30 -19.83 20.02
CA ALA B 86 -19.16 -20.65 19.16
C ALA B 86 -19.24 -20.08 17.73
N PRO B 87 -19.62 -20.94 16.75
CA PRO B 87 -19.68 -20.57 15.33
C PRO B 87 -20.45 -19.28 15.03
N ASN B 88 -21.66 -19.18 15.54
CA ASN B 88 -22.53 -18.07 15.17
C ASN B 88 -22.39 -16.82 16.06
N HIS B 89 -21.33 -16.75 16.86
CA HIS B 89 -21.22 -15.76 17.92
C HIS B 89 -21.00 -14.34 17.38
N ARG B 90 -21.85 -13.43 17.83
CA ARG B 90 -21.77 -12.01 17.52
C ARG B 90 -21.66 -11.24 18.85
N PRO B 91 -20.47 -10.68 19.14
CA PRO B 91 -20.30 -9.90 20.36
C PRO B 91 -21.26 -8.73 20.46
N LYS B 92 -21.88 -8.56 21.62
CA LYS B 92 -22.68 -7.37 21.89
C LYS B 92 -21.73 -6.21 22.21
N VAL B 93 -22.00 -5.06 21.63
CA VAL B 93 -21.06 -3.94 21.66
C VAL B 93 -21.75 -2.63 22.05
N VAL B 94 -21.12 -1.90 22.97
CA VAL B 94 -21.53 -0.53 23.30
C VAL B 94 -20.54 0.44 22.67
N ILE B 95 -21.06 1.42 21.92
CA ILE B 95 -20.19 2.43 21.31
C ILE B 95 -20.42 3.73 22.07
N VAL B 97 -19.70 7.81 22.34
CA VAL B 97 -19.41 8.94 21.47
C VAL B 97 -19.59 10.27 22.18
N SER B 98 -18.94 11.29 21.66
CA SER B 98 -19.14 12.65 22.09
C SER B 98 -19.76 13.40 20.90
N LYS B 99 -19.05 14.35 20.29
CA LYS B 99 -19.62 15.14 19.20
C LYS B 99 -19.21 14.67 17.79
N ALA B 100 -18.03 14.06 17.65
CA ALA B 100 -17.52 13.62 16.36
C ALA B 100 -18.21 12.33 15.93
N ASP B 101 -18.74 12.30 14.71
CA ASP B 101 -19.53 11.18 14.21
C ASP B 101 -18.79 10.24 13.22
N HIS B 102 -17.56 10.58 12.85
CA HIS B 102 -16.88 9.84 11.81
C HIS B 102 -16.68 8.36 12.15
N CYS B 103 -16.21 8.08 13.37
CA CYS B 103 -15.95 6.70 13.77
C CYS B 103 -17.23 5.91 14.01
N LEU B 104 -18.23 6.55 14.62
CA LEU B 104 -19.56 5.91 14.78
C LEU B 104 -20.20 5.61 13.42
N ASN B 105 -20.16 6.56 12.50
CA ASN B 105 -20.70 6.31 11.16
C ASN B 105 -20.03 5.10 10.51
N ASP B 106 -18.70 5.07 10.59
CA ASP B 106 -17.90 4.03 9.94
C ASP B 106 -18.14 2.67 10.57
N LEU B 107 -18.29 2.63 11.89
CA LEU B 107 -18.53 1.37 12.59
C LEU B 107 -19.92 0.81 12.29
N LEU B 108 -20.93 1.68 12.28
CA LEU B 108 -22.31 1.23 12.03
C LEU B 108 -22.49 0.82 10.56
N TYR B 109 -21.78 1.49 9.65
CA TYR B 109 -21.78 1.11 8.25
C TYR B 109 -21.18 -0.28 8.07
N ARG B 110 -20.02 -0.51 8.67
CA ARG B 110 -19.34 -1.80 8.55
C ARG B 110 -20.13 -2.93 9.22
N GLN B 111 -20.86 -2.61 10.28
CA GLN B 111 -21.73 -3.56 10.94
C GLN B 111 -22.91 -3.92 10.03
N ARG B 112 -23.52 -2.91 9.42
CA ARG B 112 -24.70 -3.11 8.58
C ARG B 112 -24.41 -3.95 7.32
N ILE B 113 -23.25 -3.74 6.68
CA ILE B 113 -22.92 -4.52 5.47
C ILE B 113 -22.29 -5.89 5.77
N GLY B 114 -22.11 -6.23 7.04
CA GLY B 114 -21.66 -7.56 7.45
C GLY B 114 -20.15 -7.74 7.60
N GLN B 115 -19.41 -6.64 7.52
CA GLN B 115 -17.95 -6.69 7.58
C GLN B 115 -17.42 -6.82 9.03
N LEU B 116 -18.14 -6.26 9.99
CA LEU B 116 -17.86 -6.48 11.41
C LEU B 116 -19.01 -7.31 11.98
N GLY B 117 -18.72 -8.57 12.34
CA GLY B 117 -19.74 -9.48 12.84
C GLY B 117 -20.06 -9.24 14.30
N ASP B 119 -23.08 -6.97 17.10
CA ASP B 119 -24.35 -6.24 17.25
C ASP B 119 -24.18 -5.07 18.22
N VAL B 120 -24.39 -3.86 17.71
CA VAL B 120 -24.31 -2.65 18.53
C VAL B 120 -25.61 -2.52 19.30
N VAL B 121 -25.57 -2.80 20.60
CA VAL B 121 -26.76 -2.80 21.43
C VAL B 121 -27.04 -1.45 22.07
N ALA B 122 -26.06 -0.55 22.05
CA ALA B 122 -26.27 0.80 22.59
C ALA B 122 -25.21 1.79 22.12
N VAL B 123 -25.64 3.03 21.94
CA VAL B 123 -24.72 4.14 21.79
C VAL B 123 -24.90 4.99 23.05
N VAL B 124 -23.81 5.25 23.76
CA VAL B 124 -23.83 6.06 24.97
C VAL B 124 -23.02 7.32 24.71
N SER B 125 -23.48 8.44 25.24
CA SER B 125 -22.81 9.72 25.00
C SER B 125 -22.89 10.66 26.20
N ASN B 126 -21.90 11.54 26.31
CA ASN B 126 -21.96 12.64 27.28
C ASN B 126 -22.61 13.89 26.67
N HIS B 127 -23.13 13.78 25.46
CA HIS B 127 -23.81 14.87 24.77
C HIS B 127 -25.06 14.36 24.02
N PRO B 128 -26.03 15.25 23.75
CA PRO B 128 -27.24 14.82 23.03
C PRO B 128 -27.12 14.80 21.50
N ASP B 129 -26.01 15.32 20.98
CA ASP B 129 -25.92 15.74 19.57
C ASP B 129 -26.08 14.61 18.55
N LEU B 130 -25.54 13.43 18.86
CA LEU B 130 -25.58 12.30 17.90
C LEU B 130 -26.79 11.38 18.09
N GLU B 131 -27.75 11.81 18.91
CA GLU B 131 -29.01 11.07 19.10
C GLU B 131 -29.71 10.74 17.78
N PRO B 132 -29.92 11.75 16.91
CA PRO B 132 -30.62 11.45 15.64
C PRO B 132 -29.94 10.36 14.79
N LEU B 133 -28.62 10.32 14.83
CA LEU B 133 -27.86 9.36 14.03
C LEU B 133 -28.09 7.95 14.55
N ALA B 134 -27.98 7.78 15.86
CA ALA B 134 -28.20 6.48 16.48
C ALA B 134 -29.61 5.96 16.20
N HIS B 135 -30.58 6.88 16.25
CA HIS B 135 -31.99 6.54 16.04
C HIS B 135 -32.30 6.14 14.59
N TRP B 136 -31.70 6.86 13.62
CA TRP B 136 -31.83 6.50 12.20
C TRP B 136 -31.39 5.04 11.95
N HIS B 137 -30.36 4.59 12.66
CA HIS B 137 -29.90 3.19 12.61
C HIS B 137 -30.71 2.26 13.54
N LYS B 138 -31.67 2.83 14.26
CA LYS B 138 -32.55 2.09 15.18
C LYS B 138 -31.79 1.45 16.36
N ILE B 139 -30.79 2.17 16.87
CA ILE B 139 -30.01 1.71 18.01
C ILE B 139 -30.29 2.59 19.24
N PRO B 140 -30.63 1.96 20.39
CA PRO B 140 -30.85 2.69 21.63
C PRO B 140 -29.72 3.68 21.95
N TYR B 141 -30.09 4.92 22.27
CA TYR B 141 -29.12 5.99 22.54
C TYR B 141 -29.31 6.45 23.98
N TYR B 142 -28.21 6.68 24.67
CA TYR B 142 -28.26 7.14 26.07
C TYR B 142 -27.40 8.36 26.25
N HIS B 143 -28.03 9.47 26.66
CA HIS B 143 -27.34 10.70 26.97
C HIS B 143 -27.21 10.84 28.48
N PHE B 144 -26.01 10.56 29.00
CA PHE B 144 -25.72 10.71 30.43
C PHE B 144 -24.80 11.93 30.63
N ALA B 145 -25.40 13.09 30.85
CA ALA B 145 -24.65 14.34 31.04
C ALA B 145 -23.69 14.23 32.22
N LEU B 146 -22.56 14.94 32.12
CA LEU B 146 -21.59 15.00 33.21
C LEU B 146 -21.87 16.19 34.13
N ASP B 147 -21.98 15.91 35.42
CA ASP B 147 -21.86 16.94 36.44
C ASP B 147 -20.40 16.87 36.90
N PRO B 148 -19.62 17.95 36.68
CA PRO B 148 -18.21 17.94 37.05
C PRO B 148 -17.94 17.50 38.50
N LYS B 149 -18.87 17.79 39.40
CA LYS B 149 -18.78 17.35 40.79
C LYS B 149 -18.90 15.83 40.93
N ASP B 150 -19.81 15.23 40.17
CA ASP B 150 -20.16 13.81 40.34
C ASP B 150 -19.73 12.96 39.15
N LYS B 151 -18.41 12.87 38.93
CA LYS B 151 -17.85 12.01 37.89
C LYS B 151 -18.21 10.53 38.12
N PRO B 152 -18.18 10.06 39.38
CA PRO B 152 -18.61 8.68 39.66
C PRO B 152 -20.09 8.42 39.32
N GLY B 153 -20.94 9.45 39.43
CA GLY B 153 -22.37 9.33 39.11
C GLY B 153 -22.65 9.06 37.65
N GLN B 154 -21.98 9.79 36.77
CA GLN B 154 -22.15 9.60 35.33
C GLN B 154 -21.60 8.24 34.89
N GLU B 155 -20.47 7.85 35.46
CA GLU B 155 -19.84 6.57 35.12
C GLU B 155 -20.60 5.36 35.66
N ARG B 156 -21.41 5.57 36.70
CA ARG B 156 -22.27 4.52 37.23
C ARG B 156 -23.38 4.19 36.22
N LYS B 157 -23.98 5.23 35.64
CA LYS B 157 -25.00 5.05 34.60
C LYS B 157 -24.46 4.40 33.33
N VAL B 158 -23.24 4.76 32.94
CA VAL B 158 -22.60 4.19 31.75
C VAL B 158 -22.36 2.71 31.97
N LEU B 159 -21.87 2.37 33.16
CA LEU B 159 -21.57 0.98 33.50
C LEU B 159 -22.85 0.15 33.65
N GLN B 160 -23.95 0.80 34.04
CA GLN B 160 -25.24 0.11 34.13
C GLN B 160 -25.69 -0.38 32.75
N VAL B 161 -25.67 0.51 31.76
CA VAL B 161 -26.04 0.17 30.38
C VAL B 161 -25.16 -0.95 29.81
N ILE B 162 -23.86 -0.84 30.04
CA ILE B 162 -22.91 -1.87 29.61
C ILE B 162 -23.27 -3.23 30.20
N GLU B 163 -23.68 -3.23 31.47
CA GLU B 163 -24.07 -4.47 32.17
C GLU B 163 -25.45 -4.97 31.75
N GLU B 164 -26.44 -4.08 31.72
CA GLU B 164 -27.82 -4.47 31.41
C GLU B 164 -27.98 -5.01 29.99
N THR B 165 -27.29 -4.38 29.03
CA THR B 165 -27.29 -4.86 27.66
C THR B 165 -26.39 -6.10 27.49
N GLY B 166 -25.49 -6.33 28.45
CA GLY B 166 -24.64 -7.52 28.45
C GLY B 166 -23.53 -7.45 27.41
N ALA B 167 -23.05 -6.24 27.14
CA ALA B 167 -22.04 -6.03 26.13
C ALA B 167 -20.71 -6.67 26.56
N GLU B 168 -19.97 -7.21 25.60
CA GLU B 168 -18.64 -7.79 25.89
C GLU B 168 -17.50 -6.98 25.30
N LEU B 169 -17.84 -5.88 24.62
CA LEU B 169 -16.87 -4.95 24.07
C LEU B 169 -17.41 -3.52 24.18
N VAL B 170 -16.55 -2.58 24.57
CA VAL B 170 -16.89 -1.16 24.61
C VAL B 170 -15.96 -0.46 23.64
N ILE B 171 -16.52 0.29 22.69
CA ILE B 171 -15.71 1.04 21.73
C ILE B 171 -15.81 2.52 22.02
N LEU B 172 -14.68 3.16 22.28
CA LEU B 172 -14.65 4.61 22.46
C LEU B 172 -14.37 5.25 21.10
N ALA B 173 -15.44 5.66 20.43
CA ALA B 173 -15.37 6.22 19.08
C ALA B 173 -15.30 7.73 19.18
N ARG B 174 -14.15 8.21 19.66
CA ARG B 174 -13.90 9.63 19.94
C ARG B 174 -14.78 10.16 21.10
N TYR B 175 -14.93 9.32 22.12
CA TYR B 175 -15.51 9.73 23.38
C TYR B 175 -14.48 10.58 24.11
N GLN B 177 -14.66 12.43 27.16
CA GLN B 177 -14.64 12.56 28.62
C GLN B 177 -13.66 11.55 29.20
N VAL B 178 -12.74 12.01 30.04
CA VAL B 178 -11.73 11.13 30.63
C VAL B 178 -12.37 10.10 31.54
N LEU B 179 -11.99 8.85 31.35
CA LEU B 179 -12.46 7.77 32.21
C LEU B 179 -11.65 7.81 33.52
N SER B 180 -12.29 7.43 34.61
CA SER B 180 -11.63 7.38 35.91
C SER B 180 -10.76 6.12 36.00
N PRO B 181 -9.79 6.12 36.94
CA PRO B 181 -9.01 4.90 37.18
C PRO B 181 -9.87 3.68 37.51
N GLU B 182 -11.00 3.91 38.19
CA GLU B 182 -11.91 2.83 38.59
C GLU B 182 -12.57 2.15 37.39
N LEU B 183 -13.13 2.95 36.49
CA LEU B 183 -13.77 2.45 35.26
C LEU B 183 -12.74 1.86 34.28
N CYS B 184 -11.55 2.47 34.24
CA CYS B 184 -10.45 1.93 33.42
C CYS B 184 -10.07 0.51 33.84
N ARG B 185 -9.96 0.30 35.15
CA ARG B 185 -9.71 -1.04 35.71
C ARG B 185 -10.83 -2.00 35.30
N ARG B 186 -12.08 -1.56 35.44
CA ARG B 186 -13.23 -2.39 35.09
C ARG B 186 -13.23 -2.85 33.63
N LEU B 187 -12.85 -1.94 32.73
CA LEU B 187 -12.90 -2.19 31.27
C LEU B 187 -11.61 -2.80 30.70
N ASP B 188 -10.61 -3.02 31.56
CA ASP B 188 -9.30 -3.53 31.16
C ASP B 188 -9.43 -4.78 30.29
N GLY B 189 -9.00 -4.68 29.04
CA GLY B 189 -8.98 -5.83 28.15
C GLY B 189 -10.16 -5.97 27.21
N TRP B 190 -11.21 -5.18 27.40
CA TRP B 190 -12.37 -5.22 26.50
C TRP B 190 -12.94 -3.83 26.11
N ALA B 191 -12.12 -2.79 26.24
CA ALA B 191 -12.51 -1.43 25.85
C ALA B 191 -11.48 -0.91 24.85
N ILE B 192 -11.90 -0.59 23.63
CA ILE B 192 -10.97 -0.13 22.59
C ILE B 192 -11.13 1.37 22.28
N ASN B 193 -10.02 2.09 22.34
CA ASN B 193 -10.00 3.54 22.08
C ASN B 193 -9.24 3.85 20.79
N ILE B 194 -9.57 4.98 20.17
CA ILE B 194 -8.88 5.49 18.98
C ILE B 194 -8.42 6.93 19.19
N HIS B 195 -7.19 7.25 18.81
CA HIS B 195 -6.72 8.65 18.79
C HIS B 195 -5.70 8.87 17.66
N HIS B 196 -5.42 10.15 17.40
CA HIS B 196 -4.49 10.54 16.31
C HIS B 196 -3.03 10.34 16.73
N SER B 197 -2.15 10.23 15.73
CA SER B 197 -0.71 10.05 15.91
C SER B 197 0.01 10.90 14.87
N LEU B 198 0.73 11.93 15.33
CA LEU B 198 1.39 12.87 14.42
C LEU B 198 2.90 12.86 14.61
N LEU B 199 3.60 13.73 13.85
CA LEU B 199 5.07 13.78 13.87
C LEU B 199 5.53 15.11 14.42
N PHE B 202 3.80 16.75 18.35
CA PHE B 202 3.03 17.92 18.76
C PHE B 202 2.24 17.67 20.05
N LYS B 203 1.99 18.74 20.80
CA LYS B 203 1.25 18.63 22.07
C LYS B 203 0.70 19.99 22.49
N GLY B 204 -0.55 20.28 22.11
CA GLY B 204 -1.18 21.53 22.46
C GLY B 204 -2.46 21.82 21.68
N ALA B 205 -2.84 23.09 21.66
N ALA B 205 -2.81 23.10 21.64
CA ALA B 205 -4.17 23.53 21.19
CA ALA B 205 -3.92 23.56 20.82
C ALA B 205 -4.65 22.91 19.88
C ALA B 205 -3.62 23.30 19.34
N LYS B 206 -3.93 23.18 18.79
N LYS B 206 -4.64 22.83 18.62
CA LYS B 206 -4.35 22.74 17.47
CA LYS B 206 -4.54 22.70 17.18
C LYS B 206 -3.30 21.82 16.84
C LYS B 206 -3.36 21.81 16.77
N PRO B 207 -3.47 20.48 16.98
CA PRO B 207 -2.39 19.57 16.58
C PRO B 207 -2.20 19.47 15.07
N TYR B 208 -3.31 19.49 14.33
CA TYR B 208 -3.26 19.45 12.87
C TYR B 208 -2.70 20.75 12.28
N HIS B 209 -2.97 21.88 12.92
CA HIS B 209 -2.41 23.15 12.48
C HIS B 209 -0.89 23.14 12.70
N GLN B 210 -0.44 22.56 13.81
CA GLN B 210 1.00 22.38 14.07
C GLN B 210 1.63 21.39 13.09
N ALA B 211 0.89 20.37 12.67
CA ALA B 211 1.36 19.44 11.63
C ALA B 211 1.53 20.18 10.30
N TYR B 212 0.52 20.95 9.91
CA TYR B 212 0.58 21.73 8.67
C TYR B 212 1.85 22.59 8.63
N ASN B 213 2.07 23.39 9.68
CA ASN B 213 3.23 24.28 9.76
C ASN B 213 4.57 23.55 9.74
N LYS B 214 4.62 22.38 10.35
CA LYS B 214 5.86 21.57 10.43
C LYS B 214 6.16 20.90 9.08
N GLY B 215 5.10 20.72 8.29
CA GLY B 215 5.20 20.26 6.92
C GLY B 215 5.17 18.76 6.81
N VAL B 216 4.46 18.09 7.71
CA VAL B 216 4.43 16.62 7.74
C VAL B 216 3.86 16.07 6.43
N LYS B 217 4.23 14.85 6.10
CA LYS B 217 3.76 14.20 4.86
C LYS B 217 2.92 12.95 5.15
N VAL B 219 -0.40 11.68 8.21
CA VAL B 219 -1.11 11.70 9.50
C VAL B 219 -1.39 10.26 9.91
N GLY B 220 -1.47 10.02 11.21
CA GLY B 220 -1.61 8.68 11.72
C GLY B 220 -2.69 8.53 12.77
N ALA B 221 -2.95 7.27 13.14
CA ALA B 221 -3.90 6.94 14.18
C ALA B 221 -3.47 5.65 14.88
N THR B 222 -3.86 5.54 16.15
CA THR B 222 -3.54 4.41 17.00
C THR B 222 -4.82 3.96 17.67
N ALA B 223 -5.18 2.68 17.51
CA ALA B 223 -6.23 2.07 18.30
C ALA B 223 -5.57 1.23 19.40
N HIS B 224 -6.12 1.29 20.61
CA HIS B 224 -5.51 0.59 21.74
C HIS B 224 -6.54 0.22 22.80
N TYR B 225 -6.20 -0.75 23.62
CA TYR B 225 -7.00 -1.04 24.82
C TYR B 225 -6.83 0.06 25.85
N ILE B 226 -7.85 0.23 26.68
CA ILE B 226 -7.86 1.23 27.75
C ILE B 226 -7.17 0.70 29.02
N ASN B 227 -6.28 1.53 29.58
CA ASN B 227 -5.78 1.37 30.95
C ASN B 227 -5.61 2.77 31.58
N ASN B 228 -4.95 2.86 32.74
CA ASN B 228 -4.80 4.13 33.47
C ASN B 228 -3.98 5.22 32.75
N ASP B 229 -3.05 4.81 31.90
CA ASP B 229 -2.26 5.77 31.10
C ASP B 229 -3.13 6.35 30.00
N LEU B 230 -3.37 7.67 30.04
CA LEU B 230 -4.24 8.32 29.06
C LEU B 230 -3.68 8.22 27.63
N ASP B 231 -4.46 7.61 26.74
CA ASP B 231 -4.11 7.40 25.32
C ASP B 231 -2.86 6.53 25.04
N GLU B 232 -2.41 5.79 26.05
N GLU B 232 -2.42 5.73 26.01
CA GLU B 232 -1.34 4.82 25.91
CA GLU B 232 -1.18 4.98 25.90
C GLU B 232 -1.93 3.53 26.42
C GLU B 232 -1.26 3.57 26.49
N GLY B 233 -1.09 2.60 26.82
N GLY B 233 -2.45 2.97 26.43
CA GLY B 233 -1.60 1.28 27.17
CA GLY B 233 -2.64 1.57 26.83
C GLY B 233 -1.55 0.40 25.94
C GLY B 233 -2.25 0.63 25.70
N PRO B 234 -2.33 -0.70 25.93
CA PRO B 234 -1.97 -1.72 24.95
C PRO B 234 -2.37 -1.45 23.49
N ILE B 235 -1.35 -1.28 22.64
CA ILE B 235 -1.55 -0.96 21.23
C ILE B 235 -2.01 -2.18 20.43
N ILE B 236 -3.11 -2.00 19.69
CA ILE B 236 -3.70 -3.04 18.85
C ILE B 236 -3.40 -2.83 17.36
N ALA B 237 -3.55 -1.59 16.89
CA ALA B 237 -3.35 -1.28 15.47
C ALA B 237 -2.92 0.17 15.29
N GLN B 238 -2.04 0.38 14.31
CA GLN B 238 -1.60 1.71 13.93
C GLN B 238 -1.59 1.81 12.42
N GLY B 239 -1.78 3.03 11.91
CA GLY B 239 -1.83 3.27 10.48
C GLY B 239 -1.54 4.72 10.16
N VAL B 240 -1.22 5.00 8.91
CA VAL B 240 -1.01 6.38 8.47
C VAL B 240 -1.72 6.61 7.18
N GLU B 241 -1.86 7.90 6.85
CA GLU B 241 -2.45 8.36 5.61
C GLU B 241 -1.48 9.38 5.01
N VAL B 242 -1.14 9.20 3.74
CA VAL B 242 -0.28 10.12 3.02
C VAL B 242 -0.94 11.49 2.88
N VAL B 243 -0.17 12.55 3.13
CA VAL B 243 -0.61 13.93 2.88
C VAL B 243 0.51 14.71 2.21
N ASP B 244 0.17 15.86 1.64
CA ASP B 244 1.15 16.72 1.00
C ASP B 244 0.84 18.20 1.28
N HIS B 245 1.65 19.09 0.70
CA HIS B 245 1.52 20.55 0.86
C HIS B 245 0.16 21.15 0.46
N SER B 246 -0.58 20.44 -0.38
CA SER B 246 -1.90 20.91 -0.84
C SER B 246 -2.97 20.67 0.23
N HIS B 247 -2.64 19.85 1.23
CA HIS B 247 -3.53 19.64 2.36
C HIS B 247 -3.39 20.76 3.40
N TYR B 248 -4.34 21.68 3.40
CA TYR B 248 -4.39 22.71 4.41
C TYR B 248 -4.83 22.10 5.74
N PRO B 249 -4.81 22.87 6.84
CA PRO B 249 -5.18 22.27 8.13
C PRO B 249 -6.50 21.50 8.14
N GLU B 250 -7.56 22.04 7.54
CA GLU B 250 -8.88 21.37 7.53
C GLU B 250 -8.86 20.10 6.69
N ASP B 251 -8.06 20.09 5.63
CA ASP B 251 -7.85 18.87 4.87
C ASP B 251 -7.12 17.85 5.72
N LEU B 252 -6.19 18.34 6.54
CA LEU B 252 -5.40 17.50 7.42
CA LEU B 252 -5.41 17.46 7.40
C LEU B 252 -6.30 16.81 8.43
N ILE B 253 -7.19 17.59 9.03
CA ILE B 253 -8.15 17.08 10.01
C ILE B 253 -9.03 16.04 9.34
N ALA B 254 -9.45 16.30 8.10
CA ALA B 254 -10.28 15.36 7.34
C ALA B 254 -9.57 14.01 7.13
N LYS B 255 -8.29 14.07 6.80
CA LYS B 255 -7.49 12.87 6.60
C LYS B 255 -7.30 12.14 7.93
N GLY B 256 -7.12 12.91 9.00
CA GLY B 256 -7.06 12.37 10.34
C GLY B 256 -8.28 11.53 10.68
N ARG B 257 -9.47 12.01 10.31
CA ARG B 257 -10.70 11.27 10.56
C ARG B 257 -10.69 9.94 9.80
N ASP B 258 -10.32 9.99 8.52
CA ASP B 258 -10.25 8.79 7.66
C ASP B 258 -9.39 7.70 8.29
N ILE B 259 -8.23 8.08 8.83
CA ILE B 259 -7.27 7.10 9.34
C ILE B 259 -7.66 6.59 10.74
N GLU B 260 -8.32 7.44 11.52
CA GLU B 260 -8.95 7.00 12.76
C GLU B 260 -10.04 5.96 12.47
N CYS B 261 -10.85 6.24 11.45
CA CYS B 261 -11.92 5.31 11.05
C CYS B 261 -11.36 3.95 10.66
N LEU B 262 -10.39 3.95 9.75
CA LEU B 262 -9.80 2.73 9.22
C LEU B 262 -9.05 1.92 10.30
N THR B 263 -8.28 2.61 11.14
CA THR B 263 -7.46 1.94 12.15
C THR B 263 -8.32 1.33 13.24
N LEU B 264 -9.28 2.10 13.75
CA LEU B 264 -10.24 1.59 14.73
C LEU B 264 -11.03 0.40 14.17
N ALA B 265 -11.50 0.52 12.94
CA ALA B 265 -12.23 -0.58 12.29
C ALA B 265 -11.39 -1.85 12.23
N ARG B 266 -10.13 -1.73 11.87
CA ARG B 266 -9.22 -2.87 11.84
C ARG B 266 -9.07 -3.53 13.22
N ALA B 267 -8.83 -2.71 14.23
CA ALA B 267 -8.60 -3.18 15.59
C ALA B 267 -9.85 -3.87 16.13
N VAL B 268 -11.03 -3.28 15.87
CA VAL B 268 -12.29 -3.86 16.30
C VAL B 268 -12.48 -5.21 15.63
N GLY B 269 -12.07 -5.32 14.38
CA GLY B 269 -12.15 -6.57 13.63
C GLY B 269 -11.29 -7.65 14.24
N TYR B 270 -10.04 -7.31 14.55
CA TYR B 270 -9.13 -8.25 15.19
C TYR B 270 -9.71 -8.75 16.50
N HIS B 271 -10.27 -7.84 17.29
CA HIS B 271 -10.81 -8.20 18.58
C HIS B 271 -11.99 -9.16 18.46
N ILE B 272 -12.91 -8.86 17.55
CA ILE B 272 -14.11 -9.68 17.45
C ILE B 272 -13.86 -11.02 16.75
N GLU B 273 -12.80 -11.09 15.92
CA GLU B 273 -12.35 -12.35 15.34
C GLU B 273 -11.43 -13.17 16.28
N ARG B 274 -11.26 -12.71 17.52
CA ARG B 274 -10.51 -13.43 18.55
C ARG B 274 -9.04 -13.62 18.18
N ARG B 275 -8.45 -12.55 17.66
CA ARG B 275 -7.09 -12.59 17.16
C ARG B 275 -6.11 -11.82 18.03
N VAL B 276 -6.62 -11.06 19.00
CA VAL B 276 -5.80 -10.19 19.82
C VAL B 276 -5.59 -10.79 21.20
N PHE B 277 -4.36 -10.73 21.69
CA PHE B 277 -4.00 -11.23 23.01
C PHE B 277 -3.19 -10.17 23.70
N LEU B 278 -3.42 -10.02 25.01
CA LEU B 278 -2.66 -9.14 25.86
C LEU B 278 -1.34 -9.83 26.21
N ASN B 279 -0.25 -9.12 26.01
CA ASN B 279 1.10 -9.63 26.23
C ASN B 279 1.88 -8.57 26.98
N ALA B 280 1.98 -8.71 28.30
CA ALA B 280 2.43 -7.64 29.18
C ALA B 280 1.69 -6.33 28.86
N ASN B 281 2.41 -5.31 28.40
CA ASN B 281 1.83 -4.00 28.06
C ASN B 281 1.59 -3.79 26.55
N ARG B 282 1.60 -4.87 25.78
CA ARG B 282 1.40 -4.79 24.33
C ARG B 282 0.42 -5.84 23.85
N THR B 283 0.25 -5.97 22.54
CA THR B 283 -0.58 -7.05 22.01
C THR B 283 0.14 -7.93 21.01
N VAL B 284 -0.34 -9.17 20.94
CA VAL B 284 -0.03 -10.11 19.89
C VAL B 284 -1.34 -10.26 19.12
N VAL B 285 -1.25 -10.19 17.79
CA VAL B 285 -2.39 -10.27 16.91
C VAL B 285 -2.16 -11.42 15.93
N LEU B 286 -2.89 -12.52 16.08
CA LEU B 286 -2.64 -13.74 15.31
C LEU B 286 -3.60 -13.91 14.14
N ASP C 7 -14.48 27.17 -2.24
CA ASP C 7 -14.64 28.58 -2.70
C ASP C 7 -13.90 28.84 -4.03
N THR C 8 -13.55 27.77 -4.73
CA THR C 8 -12.80 27.87 -6.00
C THR C 8 -13.57 27.29 -7.18
N TRP C 9 -13.54 28.02 -8.30
CA TRP C 9 -14.08 27.52 -9.56
C TRP C 9 -13.12 26.54 -10.17
N ILE C 10 -13.64 25.64 -11.00
CA ILE C 10 -12.82 24.66 -11.70
C ILE C 10 -13.00 24.83 -13.20
N LEU C 11 -11.91 25.03 -13.92
CA LEU C 11 -11.95 25.08 -15.38
C LEU C 11 -11.10 23.96 -15.96
N THR C 12 -11.72 23.14 -16.80
CA THR C 12 -11.03 22.10 -17.51
C THR C 12 -11.08 22.46 -18.98
N ALA C 13 -9.98 22.20 -19.69
CA ALA C 13 -9.96 22.37 -21.14
C ALA C 13 -9.22 21.21 -21.78
N ASP C 14 -9.67 20.80 -22.96
CA ASP C 14 -8.81 20.01 -23.82
C ASP C 14 -8.94 20.45 -25.27
N CYS C 15 -7.82 20.42 -25.97
CA CYS C 15 -7.79 20.81 -27.36
C CYS C 15 -6.65 20.07 -28.03
N PRO C 16 -6.57 20.12 -29.38
CA PRO C 16 -5.41 19.57 -30.07
C PRO C 16 -4.10 20.24 -29.61
N SER C 17 -3.01 19.49 -29.64
CA SER C 17 -1.72 19.97 -29.19
C SER C 17 -1.11 21.02 -30.12
N LEU C 19 1.63 24.83 -29.85
CA LEU C 19 2.41 25.79 -29.08
C LEU C 19 1.46 26.93 -28.75
N GLY C 20 1.19 27.15 -27.46
CA GLY C 20 0.30 28.25 -27.06
C GLY C 20 -1.07 27.83 -26.55
N THR C 21 -1.28 26.53 -26.34
CA THR C 21 -2.53 26.05 -25.77
C THR C 21 -2.65 26.46 -24.29
N VAL C 22 -1.55 26.35 -23.53
CA VAL C 22 -1.56 26.78 -22.13
C VAL C 22 -1.73 28.29 -22.06
N ASP C 23 -1.02 29.01 -22.93
CA ASP C 23 -1.09 30.48 -22.98
C ASP C 23 -2.50 31.02 -23.15
N VAL C 24 -3.28 30.41 -24.03
CA VAL C 24 -4.63 30.92 -24.32
C VAL C 24 -5.52 30.86 -23.08
N VAL C 25 -5.39 29.81 -22.26
CA VAL C 25 -6.21 29.69 -21.05
C VAL C 25 -5.68 30.61 -19.94
N THR C 26 -4.37 30.55 -19.72
CA THR C 26 -3.71 31.29 -18.65
C THR C 26 -3.75 32.80 -18.88
N ARG C 27 -3.45 33.25 -20.10
CA ARG C 27 -3.56 34.69 -20.41
C ARG C 27 -5.01 35.18 -20.30
N TYR C 28 -5.96 34.37 -20.71
CA TYR C 28 -7.37 34.72 -20.51
C TYR C 28 -7.69 34.84 -19.02
N LEU C 29 -7.43 33.79 -18.26
CA LEU C 29 -7.65 33.82 -16.81
C LEU C 29 -7.05 35.09 -16.18
N PHE C 30 -5.85 35.48 -16.62
CA PHE C 30 -5.16 36.68 -16.14
C PHE C 30 -5.92 37.95 -16.50
N GLU C 31 -6.26 38.12 -17.77
CA GLU C 31 -7.05 39.29 -18.23
C GLU C 31 -8.38 39.44 -17.46
N GLN C 32 -8.98 38.31 -17.11
CA GLN C 32 -10.25 38.28 -16.39
C GLN C 32 -10.07 38.39 -14.87
N ARG C 33 -8.83 38.62 -14.43
CA ARG C 33 -8.48 38.72 -13.02
C ARG C 33 -8.96 37.50 -12.22
N CYS C 34 -8.77 36.31 -12.80
CA CYS C 34 -9.07 35.07 -12.11
C CYS C 34 -7.80 34.57 -11.40
N TYR C 35 -7.83 34.60 -10.07
CA TYR C 35 -6.66 34.25 -9.27
C TYR C 35 -6.49 32.74 -9.23
N VAL C 36 -5.43 32.25 -9.86
CA VAL C 36 -5.16 30.84 -9.97
C VAL C 36 -4.52 30.28 -8.71
N THR C 37 -5.13 29.24 -8.15
CA THR C 37 -4.65 28.61 -6.93
C THR C 37 -3.97 27.27 -7.21
N GLU C 38 -4.33 26.62 -8.31
CA GLU C 38 -3.75 25.32 -8.65
C GLU C 38 -3.94 25.02 -10.13
N HIS C 39 -2.95 24.36 -10.72
CA HIS C 39 -2.79 24.28 -12.17
C HIS C 39 -2.12 22.96 -12.49
N HIS C 40 -2.78 22.09 -13.26
CA HIS C 40 -2.19 20.83 -13.70
C HIS C 40 -2.52 20.60 -15.18
N SER C 41 -1.52 20.20 -15.96
CA SER C 41 -1.71 19.95 -17.39
C SER C 41 -0.88 18.78 -17.90
N PHE C 42 -1.30 18.27 -19.06
CA PHE C 42 -0.63 17.14 -19.69
C PHE C 42 -0.78 17.25 -21.21
N ASP C 43 0.34 17.09 -21.91
CA ASP C 43 0.35 17.08 -23.37
C ASP C 43 0.70 15.67 -23.78
N ASP C 44 -0.30 14.97 -24.28
CA ASP C 44 -0.15 13.58 -24.71
C ASP C 44 0.45 13.59 -26.10
N ARG C 45 1.73 13.24 -26.22
CA ARG C 45 2.43 13.26 -27.51
C ARG C 45 2.02 12.12 -28.47
N GLN C 46 1.31 11.11 -27.96
CA GLN C 46 0.81 10.02 -28.81
C GLN C 46 -0.58 10.30 -29.40
N SER C 47 -1.49 10.85 -28.59
CA SER C 47 -2.85 11.18 -29.07
C SER C 47 -2.95 12.58 -29.68
N GLY C 48 -1.91 13.39 -29.49
CA GLY C 48 -1.89 14.76 -29.98
C GLY C 48 -2.90 15.66 -29.29
N ARG C 49 -3.18 15.41 -28.00
CA ARG C 49 -4.17 16.17 -27.25
C ARG C 49 -3.54 16.81 -26.01
N PHE C 50 -4.01 18.00 -25.66
CA PHE C 50 -3.53 18.74 -24.50
C PHE C 50 -4.67 18.80 -23.51
N PHE C 51 -4.36 18.60 -22.23
CA PHE C 51 -5.37 18.62 -21.17
C PHE C 51 -4.93 19.56 -20.06
N ILE C 52 -5.86 20.37 -19.54
CA ILE C 52 -5.57 21.27 -18.41
C ILE C 52 -6.75 21.35 -17.44
N ARG C 53 -6.41 21.33 -16.14
CA ARG C 53 -7.37 21.51 -15.06
C ARG C 53 -6.87 22.66 -14.19
N VAL C 54 -7.66 23.72 -14.11
CA VAL C 54 -7.28 24.88 -13.31
CA VAL C 54 -7.31 24.93 -13.36
C VAL C 54 -8.33 25.16 -12.25
N GLU C 55 -7.86 25.49 -11.05
CA GLU C 55 -8.71 25.93 -9.96
C GLU C 55 -8.41 27.42 -9.78
N PHE C 56 -9.44 28.23 -9.62
CA PHE C 56 -9.22 29.64 -9.39
C PHE C 56 -10.26 30.24 -8.46
N ARG C 57 -9.92 31.39 -7.88
CA ARG C 57 -10.85 32.17 -7.07
C ARG C 57 -11.42 33.26 -7.96
N GLN C 58 -12.74 33.45 -7.92
CA GLN C 58 -13.39 34.49 -8.74
C GLN C 58 -13.09 35.88 -8.21
N PRO C 59 -13.11 36.90 -9.09
CA PRO C 59 -13.01 38.28 -8.62
C PRO C 59 -14.34 38.77 -8.06
N ASP C 60 -14.33 39.93 -7.43
CA ASP C 60 -15.58 40.56 -6.99
C ASP C 60 -16.45 40.86 -8.22
N ASP C 61 -17.74 40.60 -8.10
CA ASP C 61 -18.69 40.87 -9.18
C ASP C 61 -18.23 40.20 -10.48
N PHE C 62 -18.21 38.87 -10.44
CA PHE C 62 -17.75 38.03 -11.54
C PHE C 62 -18.84 37.86 -12.59
N ASP C 63 -18.58 38.34 -13.80
CA ASP C 63 -19.50 38.17 -14.92
C ASP C 63 -19.34 36.77 -15.53
N GLU C 64 -20.20 35.85 -15.15
CA GLU C 64 -20.07 34.45 -15.54
C GLU C 64 -20.37 34.24 -17.03
N ALA C 65 -21.41 34.89 -17.53
CA ALA C 65 -21.76 34.83 -18.95
C ALA C 65 -20.65 35.41 -19.81
N GLY C 66 -20.10 36.55 -19.38
CA GLY C 66 -19.03 37.23 -20.10
C GLY C 66 -17.71 36.47 -20.10
N PHE C 67 -17.49 35.68 -19.06
CA PHE C 67 -16.30 34.84 -18.96
C PHE C 67 -16.40 33.65 -19.90
N ARG C 68 -17.52 32.94 -19.85
CA ARG C 68 -17.75 31.78 -20.71
C ARG C 68 -17.77 32.17 -22.18
N ALA C 69 -18.40 33.30 -22.46
CA ALA C 69 -18.50 33.82 -23.81
C ALA C 69 -17.13 34.20 -24.37
N GLY C 70 -16.34 34.89 -23.55
CA GLY C 70 -15.01 35.36 -23.97
C GLY C 70 -14.04 34.20 -24.14
N LEU C 71 -14.28 33.13 -23.38
CA LEU C 71 -13.51 31.91 -23.50
C LEU C 71 -13.84 31.21 -24.81
N ALA C 72 -15.14 31.07 -25.08
CA ALA C 72 -15.63 30.43 -26.32
C ALA C 72 -15.06 31.06 -27.59
N GLU C 73 -14.86 32.38 -27.55
CA GLU C 73 -14.31 33.12 -28.68
C GLU C 73 -12.83 32.79 -28.93
N ARG C 74 -12.02 32.85 -27.86
CA ARG C 74 -10.57 32.52 -27.93
C ARG C 74 -10.32 31.05 -28.28
N SER C 75 -11.22 30.17 -27.85
CA SER C 75 -11.11 28.74 -28.09
C SER C 75 -11.38 28.35 -29.54
N GLU C 76 -12.17 29.15 -30.26
CA GLU C 76 -12.52 28.89 -31.67
C GLU C 76 -11.26 28.62 -32.50
N ALA C 77 -10.25 29.47 -32.34
CA ALA C 77 -8.97 29.30 -33.05
C ALA C 77 -8.14 28.09 -32.60
N PHE C 78 -8.57 27.39 -31.54
CA PHE C 78 -7.84 26.23 -31.02
C PHE C 78 -8.59 24.90 -31.12
N GLY C 79 -9.88 24.93 -31.46
CA GLY C 79 -10.72 23.72 -31.44
C GLY C 79 -10.78 23.15 -30.04
N ALA C 81 -12.34 22.54 -26.18
CA ALA C 81 -13.55 22.28 -25.43
C ALA C 81 -13.27 22.56 -23.95
N PHE C 82 -14.14 23.30 -23.30
CA PHE C 82 -13.93 23.65 -21.91
C PHE C 82 -15.19 23.44 -21.07
N GLU C 83 -15.00 23.15 -19.79
CA GLU C 83 -16.09 23.03 -18.82
C GLU C 83 -15.77 23.85 -17.57
N LEU C 84 -16.71 24.71 -17.18
CA LEU C 84 -16.54 25.57 -16.02
C LEU C 84 -17.54 25.20 -14.91
N THR C 85 -17.03 24.76 -13.77
CA THR C 85 -17.87 24.29 -12.66
C THR C 85 -17.87 25.27 -11.49
N ALA C 86 -19.05 25.70 -11.06
CA ALA C 86 -19.18 26.68 -9.98
C ALA C 86 -18.73 26.09 -8.64
N PRO C 87 -18.32 26.97 -7.68
CA PRO C 87 -17.70 26.57 -6.42
C PRO C 87 -18.42 25.45 -5.68
N ASN C 88 -19.73 25.56 -5.50
CA ASN C 88 -20.45 24.60 -4.66
C ASN C 88 -21.27 23.59 -5.47
N HIS C 89 -20.79 23.25 -6.67
CA HIS C 89 -21.57 22.42 -7.58
C HIS C 89 -21.60 20.96 -7.13
N ARG C 90 -22.80 20.41 -7.03
CA ARG C 90 -23.01 19.02 -6.66
C ARG C 90 -23.75 18.33 -7.81
N PRO C 91 -23.04 17.51 -8.59
CA PRO C 91 -23.67 16.77 -9.69
C PRO C 91 -24.87 15.96 -9.22
N LYS C 92 -25.96 16.04 -9.98
CA LYS C 92 -27.13 15.20 -9.75
C LYS C 92 -26.84 13.84 -10.39
N VAL C 93 -27.07 12.76 -9.64
CA VAL C 93 -26.63 11.43 -10.03
C VAL C 93 -27.77 10.42 -9.98
N VAL C 94 -27.82 9.53 -10.97
CA VAL C 94 -28.73 8.40 -10.96
C VAL C 94 -27.89 7.14 -10.81
N ILE C 95 -28.26 6.30 -9.83
CA ILE C 95 -27.58 5.03 -9.64
C ILE C 95 -28.51 3.92 -10.11
N VAL C 97 -29.18 -0.15 -10.43
CA VAL C 97 -28.85 -1.35 -9.67
C VAL C 97 -29.77 -2.50 -10.05
N SER C 98 -29.29 -3.71 -9.79
CA SER C 98 -30.09 -4.93 -9.98
C SER C 98 -30.35 -5.57 -8.61
N LYS C 99 -29.65 -6.66 -8.26
CA LYS C 99 -29.83 -7.31 -6.96
C LYS C 99 -28.66 -7.12 -5.98
N ALA C 100 -27.44 -6.97 -6.50
CA ALA C 100 -26.26 -6.76 -5.66
C ALA C 100 -26.26 -5.35 -5.06
N ASP C 101 -26.19 -5.27 -3.73
CA ASP C 101 -26.29 -4.01 -2.99
C ASP C 101 -24.96 -3.41 -2.50
N HIS C 102 -23.83 -4.06 -2.78
CA HIS C 102 -22.56 -3.62 -2.20
C HIS C 102 -22.14 -2.25 -2.70
N CYS C 103 -22.22 -2.03 -4.01
CA CYS C 103 -21.78 -0.77 -4.59
C CYS C 103 -22.74 0.37 -4.26
N LEU C 104 -24.04 0.08 -4.24
CA LEU C 104 -25.05 1.08 -3.85
C LEU C 104 -24.88 1.51 -2.39
N ASN C 105 -24.73 0.53 -1.49
CA ASN C 105 -24.43 0.82 -0.08
C ASN C 105 -23.22 1.72 0.10
N ASP C 106 -22.13 1.40 -0.58
CA ASP C 106 -20.87 2.12 -0.48
C ASP C 106 -20.96 3.55 -1.03
N LEU C 107 -21.64 3.70 -2.17
CA LEU C 107 -21.85 5.02 -2.76
C LEU C 107 -22.75 5.90 -1.89
N LEU C 108 -23.80 5.32 -1.31
CA LEU C 108 -24.75 6.11 -0.51
C LEU C 108 -24.13 6.50 0.83
N TYR C 109 -23.31 5.61 1.39
CA TYR C 109 -22.55 5.89 2.60
C TYR C 109 -21.55 7.04 2.38
N ARG C 110 -20.80 6.96 1.29
CA ARG C 110 -19.81 7.98 0.96
C ARG C 110 -20.46 9.35 0.68
N GLN C 111 -21.65 9.33 0.09
CA GLN C 111 -22.38 10.56 -0.18
C GLN C 111 -22.86 11.16 1.14
N ARG C 112 -23.42 10.33 2.02
CA ARG C 112 -23.94 10.79 3.30
C ARG C 112 -22.86 11.38 4.23
N ILE C 113 -21.64 10.84 4.17
CA ILE C 113 -20.58 11.36 5.05
C ILE C 113 -19.78 12.53 4.46
N GLY C 114 -20.16 12.99 3.27
CA GLY C 114 -19.56 14.19 2.64
C GLY C 114 -18.36 13.90 1.76
N GLN C 115 -18.08 12.63 1.51
CA GLN C 115 -16.86 12.23 0.81
C GLN C 115 -17.02 12.26 -0.72
N LEU C 116 -18.21 11.95 -1.21
CA LEU C 116 -18.55 12.19 -2.61
C LEU C 116 -19.55 13.33 -2.63
N GLY C 117 -19.13 14.46 -3.22
CA GLY C 117 -19.93 15.68 -3.24
C GLY C 117 -20.92 15.66 -4.38
N ASP C 119 -25.39 14.58 -5.34
CA ASP C 119 -26.73 14.29 -4.84
C ASP C 119 -27.35 13.18 -5.68
N VAL C 120 -27.59 12.03 -5.04
CA VAL C 120 -28.27 10.92 -5.72
C VAL C 120 -29.75 11.26 -5.82
N VAL C 121 -30.20 11.61 -7.03
CA VAL C 121 -31.57 12.05 -7.24
C VAL C 121 -32.51 10.87 -7.47
N ALA C 122 -31.97 9.71 -7.86
CA ALA C 122 -32.81 8.55 -8.14
C ALA C 122 -32.02 7.26 -8.12
N VAL C 123 -32.67 6.19 -7.66
CA VAL C 123 -32.18 4.83 -7.84
C VAL C 123 -33.14 4.12 -8.79
N VAL C 124 -32.62 3.63 -9.91
CA VAL C 124 -33.42 2.96 -10.94
C VAL C 124 -32.98 1.50 -11.03
N SER C 125 -33.93 0.59 -11.17
CA SER C 125 -33.60 -0.84 -11.17
C SER C 125 -34.52 -1.67 -12.06
N ASN C 126 -34.00 -2.81 -12.53
CA ASN C 126 -34.81 -3.80 -13.26
C ASN C 126 -35.48 -4.82 -12.33
N HIS C 127 -35.34 -4.62 -11.02
CA HIS C 127 -35.95 -5.48 -10.01
C HIS C 127 -36.40 -4.65 -8.81
N PRO C 128 -37.34 -5.19 -8.00
CA PRO C 128 -37.87 -4.48 -6.83
C PRO C 128 -37.06 -4.68 -5.53
N ASP C 129 -36.01 -5.49 -5.57
CA ASP C 129 -35.38 -6.01 -4.34
C ASP C 129 -34.72 -4.95 -3.46
N LEU C 130 -34.07 -3.96 -4.07
CA LEU C 130 -33.35 -2.93 -3.31
C LEU C 130 -34.20 -1.68 -3.03
N GLU C 131 -35.52 -1.80 -3.14
CA GLU C 131 -36.42 -0.67 -2.84
C GLU C 131 -36.28 -0.19 -1.39
N PRO C 132 -36.30 -1.12 -0.41
CA PRO C 132 -36.17 -0.71 1.01
C PRO C 132 -34.87 0.05 1.31
N LEU C 133 -33.78 -0.35 0.66
CA LEU C 133 -32.48 0.30 0.85
C LEU C 133 -32.53 1.77 0.40
N ALA C 134 -33.11 2.01 -0.77
CA ALA C 134 -33.24 3.37 -1.29
C ALA C 134 -34.17 4.24 -0.44
N HIS C 135 -35.26 3.64 0.06
CA HIS C 135 -36.24 4.36 0.88
C HIS C 135 -35.66 4.75 2.25
N TRP C 136 -34.89 3.84 2.84
CA TRP C 136 -34.19 4.12 4.09
C TRP C 136 -33.35 5.38 4.00
N HIS C 137 -32.71 5.60 2.84
CA HIS C 137 -31.97 6.83 2.55
C HIS C 137 -32.85 7.98 2.02
N LYS C 138 -34.17 7.76 1.96
CA LYS C 138 -35.12 8.74 1.43
C LYS C 138 -34.82 9.19 -0.02
N ILE C 139 -34.34 8.25 -0.83
CA ILE C 139 -34.08 8.49 -2.24
C ILE C 139 -35.15 7.81 -3.09
N PRO C 140 -35.74 8.54 -4.07
CA PRO C 140 -36.74 7.95 -4.97
C PRO C 140 -36.23 6.67 -5.67
N TYR C 141 -37.04 5.62 -5.61
CA TYR C 141 -36.70 4.33 -6.20
C TYR C 141 -37.65 4.02 -7.33
N TYR C 142 -37.12 3.56 -8.46
CA TYR C 142 -37.93 3.24 -9.64
C TYR C 142 -37.65 1.82 -10.10
N HIS C 143 -38.70 1.00 -10.15
CA HIS C 143 -38.62 -0.37 -10.64
C HIS C 143 -39.25 -0.48 -12.03
N PHE C 144 -38.41 -0.68 -13.04
CA PHE C 144 -38.85 -0.81 -14.43
C PHE C 144 -38.50 -2.19 -14.97
N ALA C 145 -39.43 -3.13 -14.80
CA ALA C 145 -39.22 -4.52 -15.23
C ALA C 145 -39.02 -4.64 -16.73
N LEU C 146 -38.23 -5.62 -17.15
CA LEU C 146 -37.94 -5.85 -18.56
C LEU C 146 -38.94 -6.80 -19.21
N ASP C 147 -39.65 -6.28 -20.21
CA ASP C 147 -40.39 -7.12 -21.15
C ASP C 147 -39.42 -7.38 -22.31
N PRO C 148 -38.90 -8.63 -22.43
CA PRO C 148 -37.81 -8.91 -23.40
C PRO C 148 -38.16 -8.63 -24.87
N LYS C 149 -39.45 -8.58 -25.19
CA LYS C 149 -39.90 -8.17 -26.52
C LYS C 149 -39.85 -6.63 -26.72
N ASP C 150 -39.72 -5.88 -25.64
CA ASP C 150 -39.68 -4.42 -25.69
C ASP C 150 -38.52 -3.85 -24.88
N LYS C 151 -37.30 -4.11 -25.34
CA LYS C 151 -36.08 -3.54 -24.75
C LYS C 151 -36.04 -2.01 -24.88
N PRO C 152 -36.57 -1.45 -25.99
CA PRO C 152 -36.69 0.00 -26.08
C PRO C 152 -37.71 0.61 -25.10
N GLY C 153 -38.70 -0.18 -24.69
CA GLY C 153 -39.72 0.27 -23.73
C GLY C 153 -39.20 0.46 -22.32
N GLN C 154 -38.35 -0.47 -21.85
CA GLN C 154 -37.74 -0.37 -20.53
C GLN C 154 -36.74 0.78 -20.46
N GLU C 155 -35.93 0.92 -21.52
CA GLU C 155 -34.91 1.96 -21.58
C GLU C 155 -35.49 3.36 -21.79
N ARG C 156 -36.72 3.44 -22.32
CA ARG C 156 -37.41 4.72 -22.45
C ARG C 156 -37.80 5.27 -21.09
N LYS C 157 -38.20 4.38 -20.17
CA LYS C 157 -38.56 4.77 -18.80
C LYS C 157 -37.34 5.14 -17.94
N VAL C 158 -36.24 4.41 -18.14
CA VAL C 158 -34.97 4.68 -17.47
C VAL C 158 -34.46 6.04 -17.92
N LEU C 159 -34.42 6.24 -19.24
CA LEU C 159 -33.93 7.49 -19.82
C LEU C 159 -34.85 8.68 -19.49
N GLN C 160 -36.12 8.40 -19.20
CA GLN C 160 -37.06 9.44 -18.77
C GLN C 160 -36.69 9.96 -17.39
N VAL C 161 -36.51 9.05 -16.44
CA VAL C 161 -36.09 9.42 -15.07
C VAL C 161 -34.81 10.25 -15.10
N ILE C 162 -33.82 9.82 -15.88
CA ILE C 162 -32.54 10.53 -16.03
C ILE C 162 -32.72 11.97 -16.50
N GLU C 163 -33.66 12.19 -17.43
CA GLU C 163 -33.93 13.53 -17.96
C GLU C 163 -34.77 14.36 -16.98
N GLU C 164 -35.84 13.77 -16.46
CA GLU C 164 -36.73 14.45 -15.50
C GLU C 164 -36.03 14.88 -14.22
N THR C 165 -35.11 14.04 -13.73
CA THR C 165 -34.32 14.38 -12.53
C THR C 165 -33.20 15.38 -12.83
N GLY C 166 -32.84 15.53 -14.11
CA GLY C 166 -31.78 16.44 -14.54
C GLY C 166 -30.38 15.92 -14.22
N ALA C 167 -30.25 14.60 -14.13
CA ALA C 167 -28.99 13.98 -13.71
C ALA C 167 -27.90 14.16 -14.75
N GLU C 168 -26.69 14.46 -14.29
CA GLU C 168 -25.52 14.64 -15.17
C GLU C 168 -24.51 13.51 -15.05
N LEU C 169 -24.83 12.51 -14.23
CA LEU C 169 -24.01 11.31 -14.13
C LEU C 169 -24.90 10.12 -13.85
N VAL C 170 -24.67 9.04 -14.59
CA VAL C 170 -25.33 7.78 -14.34
C VAL C 170 -24.25 6.82 -13.89
N ILE C 171 -24.47 6.18 -12.74
CA ILE C 171 -23.56 5.17 -12.22
C ILE C 171 -24.23 3.81 -12.32
N LEU C 172 -23.60 2.88 -13.02
CA LEU C 172 -24.10 1.50 -13.10
C LEU C 172 -23.47 0.67 -11.98
N ALA C 173 -24.18 0.58 -10.86
CA ALA C 173 -23.66 -0.03 -9.64
C ALA C 173 -24.00 -1.52 -9.61
N ARG C 174 -23.37 -2.27 -10.51
CA ARG C 174 -23.69 -3.67 -10.79
C ARG C 174 -25.11 -3.84 -11.34
N TYR C 175 -25.49 -2.95 -12.25
CA TYR C 175 -26.72 -3.07 -13.01
C TYR C 175 -26.46 -4.11 -14.11
N GLN C 177 -28.54 -5.61 -16.57
CA GLN C 177 -29.22 -5.65 -17.88
C GLN C 177 -28.33 -5.01 -18.93
N VAL C 178 -28.18 -5.68 -20.06
CA VAL C 178 -27.33 -5.20 -21.14
C VAL C 178 -27.98 -3.95 -21.76
N LEU C 179 -27.23 -2.87 -21.81
CA LEU C 179 -27.71 -1.62 -22.41
C LEU C 179 -27.62 -1.72 -23.93
N SER C 180 -28.55 -1.07 -24.63
CA SER C 180 -28.59 -1.10 -26.09
C SER C 180 -27.57 -0.13 -26.67
N PRO C 181 -27.14 -0.37 -27.93
CA PRO C 181 -26.24 0.59 -28.59
C PRO C 181 -26.78 2.03 -28.61
N GLU C 182 -28.11 2.17 -28.64
CA GLU C 182 -28.76 3.47 -28.66
C GLU C 182 -28.59 4.20 -27.32
N LEU C 183 -28.85 3.52 -26.22
CA LEU C 183 -28.66 4.11 -24.88
C LEU C 183 -27.18 4.31 -24.54
N CYS C 184 -26.34 3.35 -24.94
CA CYS C 184 -24.88 3.46 -24.73
C CYS C 184 -24.34 4.74 -25.38
N ARG C 185 -24.69 4.91 -26.65
CA ARG C 185 -24.36 6.11 -27.43
C ARG C 185 -24.87 7.38 -26.74
N ARG C 186 -26.08 7.34 -26.20
CA ARG C 186 -26.68 8.46 -25.47
C ARG C 186 -25.88 8.88 -24.22
N LEU C 187 -25.39 7.89 -23.47
CA LEU C 187 -24.72 8.11 -22.18
C LEU C 187 -23.19 8.20 -22.28
N ASP C 188 -22.68 8.37 -23.50
CA ASP C 188 -21.24 8.40 -23.75
C ASP C 188 -20.56 9.53 -22.97
N GLY C 189 -19.62 9.16 -22.10
CA GLY C 189 -18.85 10.14 -21.36
C GLY C 189 -19.45 10.59 -20.03
N TRP C 190 -20.64 10.08 -19.68
CA TRP C 190 -21.24 10.38 -18.39
C TRP C 190 -21.97 9.20 -17.71
N ALA C 191 -21.65 7.98 -18.13
CA ALA C 191 -22.15 6.77 -17.47
C ALA C 191 -20.93 5.95 -17.04
N ILE C 192 -20.80 5.70 -15.74
CA ILE C 192 -19.68 4.92 -15.21
C ILE C 192 -20.11 3.53 -14.71
N ASN C 193 -19.42 2.50 -15.20
CA ASN C 193 -19.75 1.11 -14.91
C ASN C 193 -18.61 0.46 -14.13
N ILE C 194 -18.93 -0.57 -13.34
CA ILE C 194 -17.92 -1.33 -12.58
C ILE C 194 -18.06 -2.82 -12.85
N HIS C 195 -16.94 -3.52 -13.03
CA HIS C 195 -16.94 -4.99 -13.08
C HIS C 195 -15.61 -5.53 -12.58
N HIS C 196 -15.55 -6.85 -12.39
CA HIS C 196 -14.36 -7.55 -11.87
C HIS C 196 -13.29 -7.75 -12.95
N SER C 197 -12.05 -7.97 -12.52
CA SER C 197 -10.90 -8.26 -13.39
C SER C 197 -10.00 -9.30 -12.73
N LEU C 198 -9.78 -10.44 -13.38
CA LEU C 198 -8.95 -11.52 -12.80
C LEU C 198 -7.66 -11.78 -13.60
N LEU C 199 -6.70 -12.43 -12.96
CA LEU C 199 -5.46 -12.90 -13.63
C LEU C 199 -5.78 -14.10 -14.53
N GLY C 201 -10.02 -12.68 -16.75
CA GLY C 201 -9.17 -13.70 -17.39
C GLY C 201 -9.73 -15.10 -17.21
N PHE C 202 -11.05 -15.21 -17.10
CA PHE C 202 -11.75 -16.47 -16.96
C PHE C 202 -13.09 -16.41 -17.69
N LYS C 203 -13.19 -17.11 -18.82
CA LYS C 203 -14.40 -17.10 -19.62
C LYS C 203 -15.49 -18.01 -19.03
N GLY C 204 -16.67 -17.45 -18.79
CA GLY C 204 -17.86 -18.26 -18.54
C GLY C 204 -18.27 -18.41 -17.08
N ALA C 205 -18.77 -19.60 -16.76
CA ALA C 205 -19.43 -19.87 -15.49
C ALA C 205 -18.49 -19.77 -14.30
N LYS C 206 -18.93 -19.05 -13.27
CA LYS C 206 -18.26 -19.00 -11.97
C LYS C 206 -16.79 -18.56 -12.06
N PRO C 207 -16.56 -17.27 -12.33
CA PRO C 207 -15.18 -16.76 -12.50
C PRO C 207 -14.35 -16.81 -11.19
N TYR C 208 -14.99 -16.59 -10.05
CA TYR C 208 -14.31 -16.70 -8.75
C TYR C 208 -13.94 -18.15 -8.40
N HIS C 209 -14.80 -19.09 -8.75
CA HIS C 209 -14.50 -20.52 -8.55
C HIS C 209 -13.33 -20.92 -9.44
N GLN C 210 -13.31 -20.40 -10.67
CA GLN C 210 -12.20 -20.63 -11.58
C GLN C 210 -10.91 -20.00 -11.07
N ALA C 211 -11.02 -18.83 -10.45
CA ALA C 211 -9.87 -18.14 -9.88
C ALA C 211 -9.36 -18.86 -8.64
N TYR C 212 -10.28 -19.39 -7.84
CA TYR C 212 -9.89 -20.21 -6.69
C TYR C 212 -9.03 -21.41 -7.10
N ASN C 213 -9.51 -22.16 -8.09
CA ASN C 213 -8.82 -23.37 -8.57
C ASN C 213 -7.46 -23.06 -9.16
N LYS C 214 -7.37 -21.91 -9.82
CA LYS C 214 -6.15 -21.46 -10.49
C LYS C 214 -5.08 -21.02 -9.49
N GLY C 215 -5.52 -20.67 -8.28
CA GLY C 215 -4.64 -20.27 -7.20
C GLY C 215 -4.18 -18.83 -7.29
N VAL C 216 -5.04 -17.94 -7.79
CA VAL C 216 -4.66 -16.52 -7.94
C VAL C 216 -4.37 -15.91 -6.57
N LYS C 217 -3.57 -14.85 -6.54
CA LYS C 217 -3.24 -14.20 -5.28
C LYS C 217 -3.74 -12.75 -5.22
N VAL C 219 -7.55 -10.38 -6.51
CA VAL C 219 -8.75 -10.11 -7.29
C VAL C 219 -8.80 -8.60 -7.54
N GLY C 220 -9.35 -8.21 -8.67
CA GLY C 220 -9.33 -6.81 -9.09
C GLY C 220 -10.63 -6.34 -9.68
N ALA C 221 -10.68 -5.06 -10.02
CA ALA C 221 -11.85 -4.47 -10.65
C ALA C 221 -11.48 -3.27 -11.48
N THR C 222 -12.41 -2.89 -12.36
CA THR C 222 -12.19 -1.87 -13.38
C THR C 222 -13.44 -1.01 -13.45
N ALA C 223 -13.30 0.28 -13.17
CA ALA C 223 -14.36 1.24 -13.40
C ALA C 223 -14.11 1.88 -14.77
N HIS C 224 -15.15 1.99 -15.61
CA HIS C 224 -14.97 2.58 -16.94
C HIS C 224 -16.20 3.30 -17.46
N TYR C 225 -15.98 4.19 -18.41
CA TYR C 225 -17.09 4.80 -19.12
C TYR C 225 -17.72 3.79 -20.06
N ILE C 226 -19.02 3.96 -20.29
CA ILE C 226 -19.80 3.03 -21.09
C ILE C 226 -19.78 3.41 -22.57
N ASN C 227 -19.44 2.43 -23.42
CA ASN C 227 -19.67 2.53 -24.87
C ASN C 227 -20.14 1.19 -25.44
N ASN C 228 -20.28 1.10 -26.76
CA ASN C 228 -20.84 -0.09 -27.43
C ASN C 228 -20.20 -1.45 -27.07
N ASP C 229 -18.92 -1.44 -26.70
CA ASP C 229 -18.23 -2.67 -26.31
C ASP C 229 -18.57 -3.04 -24.86
N LEU C 230 -19.12 -4.24 -24.66
CA LEU C 230 -19.59 -4.67 -23.34
C LEU C 230 -18.43 -4.85 -22.34
N ASP C 231 -18.54 -4.17 -21.19
CA ASP C 231 -17.52 -4.19 -20.11
C ASP C 231 -16.12 -3.73 -20.54
N GLU C 232 -16.06 -3.07 -21.69
CA GLU C 232 -14.87 -2.41 -22.18
C GLU C 232 -15.29 -0.98 -22.42
N GLY C 233 -14.43 -0.17 -23.01
CA GLY C 233 -14.70 1.25 -23.10
C GLY C 233 -13.85 1.96 -22.07
N PRO C 234 -13.70 3.28 -22.21
CA PRO C 234 -12.64 4.05 -21.56
C PRO C 234 -12.41 3.78 -20.05
N ILE C 235 -11.24 3.24 -19.73
CA ILE C 235 -10.88 2.90 -18.37
C ILE C 235 -10.51 4.13 -17.56
N ILE C 236 -11.15 4.26 -16.38
CA ILE C 236 -10.95 5.38 -15.47
C ILE C 236 -10.06 4.99 -14.29
N ALA C 237 -10.31 3.82 -13.70
CA ALA C 237 -9.56 3.38 -12.52
C ALA C 237 -9.54 1.87 -12.43
N GLN C 238 -8.42 1.34 -11.93
CA GLN C 238 -8.29 -0.07 -11.68
C GLN C 238 -7.61 -0.28 -10.33
N GLY C 239 -7.94 -1.39 -9.69
CA GLY C 239 -7.32 -1.75 -8.42
C GLY C 239 -7.39 -3.24 -8.18
N VAL C 240 -6.63 -3.70 -7.20
CA VAL C 240 -6.69 -5.11 -6.81
C VAL C 240 -6.70 -5.22 -5.31
N GLU C 241 -7.05 -6.43 -4.85
CA GLU C 241 -7.09 -6.78 -3.45
C GLU C 241 -6.32 -8.10 -3.30
N VAL C 242 -5.42 -8.15 -2.32
CA VAL C 242 -4.63 -9.35 -2.03
C VAL C 242 -5.51 -10.49 -1.51
N VAL C 243 -5.29 -11.69 -2.04
CA VAL C 243 -5.91 -12.92 -1.52
C VAL C 243 -4.87 -14.03 -1.40
N ASP C 244 -5.19 -15.06 -0.62
CA ASP C 244 -4.29 -16.21 -0.43
C ASP C 244 -5.09 -17.53 -0.43
N HIS C 245 -4.39 -18.64 -0.20
CA HIS C 245 -5.00 -19.98 -0.17
C HIS C 245 -6.21 -20.16 0.78
N SER C 246 -6.22 -19.39 1.88
CA SER C 246 -7.28 -19.48 2.89
C SER C 246 -8.60 -18.88 2.43
N HIS C 247 -8.57 -18.12 1.33
CA HIS C 247 -9.77 -17.57 0.73
C HIS C 247 -10.44 -18.60 -0.18
N TYR C 248 -11.52 -19.21 0.31
CA TYR C 248 -12.32 -20.12 -0.49
C TYR C 248 -13.16 -19.33 -1.50
N PRO C 249 -13.85 -20.02 -2.44
CA PRO C 249 -14.58 -19.28 -3.47
C PRO C 249 -15.44 -18.13 -2.94
N GLU C 250 -16.24 -18.36 -1.89
CA GLU C 250 -17.14 -17.33 -1.37
C GLU C 250 -16.39 -16.21 -0.65
N ASP C 251 -15.18 -16.50 -0.17
CA ASP C 251 -14.32 -15.45 0.37
C ASP C 251 -13.82 -14.57 -0.76
N LEU C 252 -13.52 -15.18 -1.91
CA LEU C 252 -13.05 -14.43 -3.07
C LEU C 252 -14.14 -13.50 -3.57
N ILE C 253 -15.37 -13.99 -3.59
CA ILE C 253 -16.50 -13.18 -4.03
C ILE C 253 -16.63 -11.96 -3.13
N ALA C 254 -16.43 -12.14 -1.83
CA ALA C 254 -16.51 -11.05 -0.87
C ALA C 254 -15.43 -10.00 -1.13
N LYS C 255 -14.21 -10.44 -1.40
CA LYS C 255 -13.10 -9.55 -1.73
C LYS C 255 -13.36 -8.88 -3.07
N GLY C 256 -13.85 -9.66 -4.03
CA GLY C 256 -14.35 -9.10 -5.29
C GLY C 256 -15.21 -7.88 -5.05
N ARG C 257 -16.20 -8.00 -4.16
CA ARG C 257 -17.12 -6.91 -3.85
C ARG C 257 -16.38 -5.71 -3.28
N ASP C 258 -15.51 -5.95 -2.31
CA ASP C 258 -14.68 -4.90 -1.71
C ASP C 258 -13.97 -4.05 -2.76
N ILE C 259 -13.31 -4.70 -3.72
CA ILE C 259 -12.49 -3.97 -4.69
C ILE C 259 -13.35 -3.28 -5.77
N GLU C 260 -14.47 -3.90 -6.15
CA GLU C 260 -15.48 -3.20 -6.94
C GLU C 260 -15.96 -1.91 -6.24
N CYS C 261 -16.27 -2.00 -4.95
CA CYS C 261 -16.68 -0.83 -4.17
C CYS C 261 -15.63 0.29 -4.19
N LEU C 262 -14.40 -0.05 -3.81
CA LEU C 262 -13.30 0.91 -3.73
C LEU C 262 -13.01 1.55 -5.09
N THR C 263 -12.94 0.73 -6.13
CA THR C 263 -12.58 1.18 -7.46
C THR C 263 -13.65 2.07 -8.08
N LEU C 264 -14.90 1.70 -7.92
CA LEU C 264 -16.00 2.52 -8.41
C LEU C 264 -16.01 3.87 -7.71
N ALA C 265 -15.81 3.87 -6.39
CA ALA C 265 -15.87 5.09 -5.60
C ALA C 265 -14.75 6.06 -5.97
N ARG C 266 -13.56 5.53 -6.22
CA ARG C 266 -12.44 6.37 -6.66
C ARG C 266 -12.75 7.04 -8.01
N ALA C 267 -13.31 6.26 -8.94
CA ALA C 267 -13.59 6.75 -10.30
C ALA C 267 -14.70 7.79 -10.31
N VAL C 268 -15.77 7.52 -9.58
CA VAL C 268 -16.85 8.49 -9.39
C VAL C 268 -16.28 9.77 -8.80
N GLY C 269 -15.36 9.60 -7.84
CA GLY C 269 -14.68 10.72 -7.20
C GLY C 269 -13.88 11.56 -8.19
N TYR C 270 -13.09 10.89 -9.03
CA TYR C 270 -12.34 11.59 -10.06
C TYR C 270 -13.29 12.32 -11.00
N HIS C 271 -14.36 11.66 -11.40
CA HIS C 271 -15.31 12.25 -12.34
C HIS C 271 -15.96 13.50 -11.78
N ILE C 272 -16.48 13.44 -10.54
CA ILE C 272 -17.23 14.56 -9.98
C ILE C 272 -16.32 15.74 -9.57
N GLU C 273 -15.04 15.45 -9.37
CA GLU C 273 -14.03 16.49 -9.14
C GLU C 273 -13.44 17.07 -10.44
N ARG C 274 -14.00 16.69 -11.59
CA ARG C 274 -13.58 17.27 -12.88
C ARG C 274 -12.11 16.99 -13.20
N ARG C 275 -11.68 15.76 -12.91
CA ARG C 275 -10.29 15.35 -13.11
C ARG C 275 -10.13 14.41 -14.29
N VAL C 276 -11.24 13.91 -14.85
CA VAL C 276 -11.18 12.89 -15.89
C VAL C 276 -11.47 13.47 -17.26
N PHE C 277 -10.62 13.14 -18.23
CA PHE C 277 -10.77 13.60 -19.61
C PHE C 277 -10.72 12.39 -20.51
N LEU C 278 -11.56 12.39 -21.55
CA LEU C 278 -11.53 11.37 -22.59
C LEU C 278 -10.37 11.65 -23.53
N ASN C 279 -9.60 10.63 -23.86
CA ASN C 279 -8.39 10.76 -24.67
C ASN C 279 -8.35 9.59 -25.64
N ALA C 280 -8.88 9.80 -26.84
CA ALA C 280 -9.15 8.70 -27.76
C ALA C 280 -10.00 7.63 -27.03
N ASN C 281 -9.49 6.41 -26.90
CA ASN C 281 -10.22 5.33 -26.22
C ASN C 281 -9.78 5.13 -24.75
N ARG C 282 -9.16 6.15 -24.16
CA ARG C 282 -8.62 6.09 -22.82
C ARG C 282 -9.05 7.30 -21.99
N THR C 283 -8.55 7.38 -20.76
CA THR C 283 -8.73 8.57 -19.95
C THR C 283 -7.41 9.15 -19.46
N VAL C 284 -7.42 10.46 -19.28
CA VAL C 284 -6.38 11.19 -18.56
C VAL C 284 -7.05 11.64 -17.27
N VAL C 285 -6.39 11.40 -16.15
CA VAL C 285 -6.90 11.73 -14.83
C VAL C 285 -5.93 12.70 -14.17
N LEU C 286 -6.31 13.97 -14.07
CA LEU C 286 -5.48 15.01 -13.48
C LEU C 286 -5.92 15.34 -12.06
N ASP D 7 18.45 -19.01 14.84
CA ASP D 7 18.88 -20.12 15.73
C ASP D 7 17.80 -21.21 15.88
N THR D 8 16.90 -21.30 14.90
CA THR D 8 15.80 -22.28 14.93
C THR D 8 15.79 -23.21 13.71
N TRP D 9 15.36 -24.46 13.95
CA TRP D 9 15.08 -25.44 12.89
C TRP D 9 13.69 -25.22 12.29
N ILE D 10 13.54 -25.52 11.00
CA ILE D 10 12.28 -25.38 10.28
C ILE D 10 11.78 -26.75 9.87
N LEU D 11 10.54 -27.10 10.24
CA LEU D 11 9.94 -28.37 9.87
C LEU D 11 8.67 -28.11 9.08
N THR D 12 8.62 -28.59 7.84
CA THR D 12 7.43 -28.49 7.02
C THR D 12 6.87 -29.89 6.77
N ALA D 13 5.56 -30.03 6.81
CA ALA D 13 4.91 -31.33 6.63
C ALA D 13 3.62 -31.19 5.83
N ASP D 14 3.27 -32.23 5.08
CA ASP D 14 2.03 -32.21 4.31
C ASP D 14 1.53 -33.62 4.06
N CYS D 15 0.21 -33.79 4.04
CA CYS D 15 -0.40 -35.10 4.00
C CYS D 15 -1.89 -34.96 3.71
N PRO D 16 -2.54 -36.08 3.38
CA PRO D 16 -3.98 -36.10 3.22
C PRO D 16 -4.72 -35.74 4.49
N SER D 17 -5.68 -34.82 4.37
CA SER D 17 -6.50 -34.38 5.50
C SER D 17 -7.03 -35.56 6.31
N LEU D 19 -8.11 -36.44 10.90
CA LEU D 19 -8.04 -36.07 12.31
C LEU D 19 -6.68 -36.52 12.85
N GLY D 20 -5.98 -35.62 13.53
CA GLY D 20 -4.71 -35.97 14.17
C GLY D 20 -3.47 -35.54 13.40
N THR D 21 -3.65 -34.80 12.30
CA THR D 21 -2.54 -34.33 11.48
C THR D 21 -1.66 -33.28 12.20
N VAL D 22 -2.25 -32.41 13.01
CA VAL D 22 -1.44 -31.49 13.82
C VAL D 22 -0.85 -32.25 15.01
N ASP D 23 -1.63 -33.16 15.58
CA ASP D 23 -1.19 -33.98 16.72
C ASP D 23 0.09 -34.78 16.45
N VAL D 24 0.19 -35.42 15.29
CA VAL D 24 1.34 -36.30 15.00
C VAL D 24 2.66 -35.54 14.87
N VAL D 25 2.61 -34.30 14.39
CA VAL D 25 3.80 -33.47 14.35
C VAL D 25 4.07 -32.89 15.75
N THR D 26 3.02 -32.43 16.43
CA THR D 26 3.14 -31.74 17.72
C THR D 26 3.53 -32.68 18.87
N ARG D 27 2.93 -33.86 18.93
CA ARG D 27 3.29 -34.86 19.96
C ARG D 27 4.73 -35.32 19.79
N TYR D 28 5.13 -35.62 18.55
CA TYR D 28 6.51 -36.04 18.29
C TYR D 28 7.53 -34.95 18.65
N LEU D 29 7.24 -33.70 18.32
CA LEU D 29 8.12 -32.57 18.70
C LEU D 29 8.26 -32.43 20.23
N PHE D 30 7.17 -32.65 20.97
CA PHE D 30 7.22 -32.64 22.45
C PHE D 30 8.11 -33.75 22.97
N GLU D 31 7.85 -34.98 22.55
CA GLU D 31 8.63 -36.16 22.99
C GLU D 31 10.13 -35.99 22.73
N GLN D 32 10.46 -35.35 21.61
CA GLN D 32 11.85 -35.09 21.21
C GLN D 32 12.47 -33.85 21.91
N ARG D 33 11.73 -33.23 22.83
CA ARG D 33 12.18 -32.04 23.56
C ARG D 33 12.61 -30.89 22.63
N CYS D 34 11.84 -30.72 21.57
CA CYS D 34 12.03 -29.64 20.60
C CYS D 34 11.06 -28.52 20.92
N TYR D 35 11.62 -27.34 21.18
CA TYR D 35 10.86 -26.22 21.70
C TYR D 35 10.27 -25.40 20.56
N VAL D 36 8.95 -25.44 20.43
CA VAL D 36 8.27 -24.77 19.35
C VAL D 36 8.27 -23.26 19.60
N THR D 37 8.91 -22.51 18.70
CA THR D 37 8.94 -21.04 18.80
C THR D 37 7.79 -20.38 18.03
N GLU D 38 7.44 -20.93 16.88
CA GLU D 38 6.16 -20.61 16.25
C GLU D 38 5.74 -21.69 15.24
N HIS D 39 4.44 -21.66 14.92
CA HIS D 39 3.70 -22.83 14.47
C HIS D 39 2.49 -22.38 13.65
N HIS D 40 2.47 -22.70 12.35
CA HIS D 40 1.36 -22.34 11.46
C HIS D 40 0.91 -23.53 10.60
N SER D 41 -0.39 -23.70 10.44
CA SER D 41 -0.93 -24.83 9.70
C SER D 41 -2.24 -24.51 9.05
N PHE D 42 -2.54 -25.23 7.96
CA PHE D 42 -3.73 -25.02 7.15
C PHE D 42 -4.26 -26.35 6.60
N ASP D 43 -5.57 -26.55 6.69
CA ASP D 43 -6.22 -27.71 6.12
C ASP D 43 -7.22 -27.26 5.07
N ASP D 44 -6.87 -27.51 3.81
CA ASP D 44 -7.68 -27.12 2.66
C ASP D 44 -8.87 -28.06 2.47
N ARG D 45 -10.07 -27.57 2.73
CA ARG D 45 -11.26 -28.42 2.65
C ARG D 45 -11.69 -28.78 1.22
N GLN D 46 -11.10 -28.17 0.20
CA GLN D 46 -11.43 -28.51 -1.20
C GLN D 46 -10.46 -29.54 -1.78
N SER D 47 -9.17 -29.33 -1.59
CA SER D 47 -8.13 -30.25 -2.08
C SER D 47 -7.90 -31.46 -1.17
N GLY D 48 -8.33 -31.37 0.08
CA GLY D 48 -8.17 -32.49 1.03
C GLY D 48 -6.74 -32.70 1.50
N ARG D 49 -5.97 -31.61 1.56
CA ARG D 49 -4.57 -31.67 1.92
C ARG D 49 -4.32 -30.81 3.15
N PHE D 50 -3.40 -31.28 3.98
CA PHE D 50 -3.02 -30.62 5.22
C PHE D 50 -1.60 -30.09 5.06
N PHE D 51 -1.33 -28.93 5.65
CA PHE D 51 -0.02 -28.28 5.53
C PHE D 51 0.40 -27.69 6.86
N ILE D 52 1.68 -27.85 7.20
CA ILE D 52 2.20 -27.34 8.49
C ILE D 52 3.64 -26.82 8.39
N ARG D 53 3.85 -25.63 8.95
CA ARG D 53 5.18 -25.08 9.13
C ARG D 53 5.42 -24.87 10.62
N VAL D 54 6.55 -25.38 11.11
CA VAL D 54 6.92 -25.28 12.51
C VAL D 54 8.37 -24.84 12.57
N GLU D 55 8.65 -23.84 13.39
CA GLU D 55 10.03 -23.50 13.75
C GLU D 55 10.28 -23.94 15.19
N PHE D 56 11.45 -24.54 15.44
CA PHE D 56 11.79 -24.98 16.80
C PHE D 56 13.26 -24.78 17.13
N ARG D 57 13.54 -24.62 18.43
CA ARG D 57 14.90 -24.61 18.95
C ARG D 57 15.28 -26.04 19.33
N GLN D 58 16.38 -26.55 18.79
CA GLN D 58 16.83 -27.91 19.11
C GLN D 58 17.29 -28.03 20.57
N PRO D 59 17.20 -29.25 21.12
CA PRO D 59 17.79 -29.51 22.42
C PRO D 59 19.30 -29.70 22.31
N ASP D 60 19.97 -29.81 23.45
CA ASP D 60 21.38 -30.19 23.46
C ASP D 60 21.46 -31.69 23.17
N ASP D 61 22.57 -32.12 22.58
CA ASP D 61 22.70 -33.49 22.08
C ASP D 61 21.51 -33.82 21.18
N PHE D 62 21.38 -33.05 20.09
CA PHE D 62 20.27 -33.22 19.17
C PHE D 62 20.57 -34.33 18.15
N ASP D 63 19.82 -35.42 18.22
CA ASP D 63 19.96 -36.52 17.30
C ASP D 63 19.12 -36.27 16.04
N GLU D 64 19.73 -35.70 15.02
CA GLU D 64 19.04 -35.38 13.76
C GLU D 64 18.60 -36.63 12.98
N ALA D 65 19.50 -37.61 12.86
CA ALA D 65 19.23 -38.84 12.09
C ALA D 65 18.07 -39.63 12.69
N GLY D 66 18.15 -39.87 13.99
CA GLY D 66 17.10 -40.57 14.72
C GLY D 66 15.81 -39.77 14.78
N PHE D 67 15.90 -38.44 14.71
CA PHE D 67 14.71 -37.58 14.68
C PHE D 67 13.96 -37.71 13.35
N ARG D 68 14.69 -37.75 12.24
CA ARG D 68 14.12 -37.98 10.92
C ARG D 68 13.47 -39.36 10.84
N ALA D 69 14.23 -40.38 11.24
CA ALA D 69 13.76 -41.77 11.19
C ALA D 69 12.51 -42.00 12.05
N GLY D 70 12.47 -41.38 13.23
CA GLY D 70 11.31 -41.48 14.11
C GLY D 70 10.12 -40.74 13.54
N LEU D 71 10.37 -39.62 12.86
CA LEU D 71 9.33 -38.87 12.16
C LEU D 71 8.83 -39.62 10.91
N ALA D 72 9.75 -40.22 10.15
CA ALA D 72 9.39 -41.03 8.97
C ALA D 72 8.48 -42.20 9.34
N GLU D 73 8.75 -42.78 10.51
CA GLU D 73 7.98 -43.90 11.03
C GLU D 73 6.50 -43.55 11.32
N ARG D 74 6.30 -42.49 12.11
CA ARG D 74 4.95 -42.00 12.45
C ARG D 74 4.22 -41.39 11.26
N SER D 75 4.97 -40.80 10.33
CA SER D 75 4.37 -40.13 9.18
C SER D 75 3.73 -41.13 8.21
N GLU D 76 4.14 -42.40 8.28
CA GLU D 76 3.63 -43.47 7.40
C GLU D 76 2.10 -43.65 7.47
N ALA D 77 1.56 -43.72 8.69
CA ALA D 77 0.11 -43.86 8.90
C ALA D 77 -0.70 -42.75 8.25
N PHE D 78 -0.13 -41.55 8.16
CA PHE D 78 -0.84 -40.38 7.63
C PHE D 78 -0.59 -40.13 6.13
N GLY D 79 0.35 -40.87 5.53
CA GLY D 79 0.81 -40.58 4.18
C GLY D 79 1.53 -39.24 4.14
N ALA D 81 4.59 -36.48 4.16
CA ALA D 81 5.95 -36.16 3.72
C ALA D 81 6.38 -34.90 4.47
N PHE D 82 7.67 -34.83 4.82
CA PHE D 82 8.21 -33.69 5.56
C PHE D 82 9.60 -33.29 5.09
N GLU D 83 9.96 -32.05 5.38
CA GLU D 83 11.29 -31.53 5.08
C GLU D 83 11.78 -30.86 6.36
N LEU D 84 13.03 -31.13 6.73
CA LEU D 84 13.66 -30.54 7.90
C LEU D 84 14.89 -29.75 7.48
N THR D 85 14.97 -28.50 7.95
CA THR D 85 15.97 -27.53 7.52
C THR D 85 16.71 -26.99 8.74
N ALA D 86 18.04 -27.12 8.74
CA ALA D 86 18.87 -26.67 9.85
C ALA D 86 18.88 -25.14 9.95
N PRO D 87 19.29 -24.60 11.12
CA PRO D 87 19.24 -23.16 11.43
C PRO D 87 19.96 -22.25 10.45
N ASN D 88 21.18 -22.62 10.10
CA ASN D 88 22.05 -21.76 9.28
C ASN D 88 21.93 -22.01 7.76
N HIS D 89 20.89 -22.74 7.34
CA HIS D 89 20.84 -23.26 5.98
C HIS D 89 20.67 -22.18 4.93
N ARG D 90 21.56 -22.18 3.95
CA ARG D 90 21.55 -21.23 2.85
C ARG D 90 21.47 -22.02 1.55
N PRO D 91 20.30 -21.99 0.89
CA PRO D 91 20.15 -22.71 -0.37
C PRO D 91 21.14 -22.25 -1.43
N LYS D 92 21.71 -23.21 -2.16
CA LYS D 92 22.53 -22.91 -3.31
C LYS D 92 21.63 -22.69 -4.51
N VAL D 93 21.85 -21.59 -5.23
CA VAL D 93 20.95 -21.18 -6.29
C VAL D 93 21.70 -20.97 -7.61
N VAL D 94 21.04 -21.34 -8.70
CA VAL D 94 21.50 -21.03 -10.05
C VAL D 94 20.48 -20.08 -10.64
N ILE D 95 20.95 -18.96 -11.16
CA ILE D 95 20.06 -18.00 -11.80
C ILE D 95 20.29 -18.11 -13.29
N VAL D 97 19.69 -16.48 -17.03
CA VAL D 97 19.47 -15.16 -17.63
C VAL D 97 19.66 -15.17 -19.15
N SER D 98 18.97 -14.26 -19.82
CA SER D 98 19.21 -13.99 -21.24
C SER D 98 19.77 -12.57 -21.37
N LYS D 99 19.05 -11.62 -21.96
CA LYS D 99 19.58 -10.25 -22.10
C LYS D 99 19.11 -9.24 -21.06
N ALA D 100 17.92 -9.45 -20.49
CA ALA D 100 17.37 -8.56 -19.49
C ALA D 100 18.09 -8.76 -18.15
N ASP D 101 18.66 -7.68 -17.61
CA ASP D 101 19.49 -7.79 -16.41
C ASP D 101 18.79 -7.35 -15.13
N HIS D 102 17.52 -6.96 -15.24
CA HIS D 102 16.86 -6.31 -14.11
C HIS D 102 16.58 -7.27 -12.95
N CYS D 103 16.05 -8.45 -13.23
CA CYS D 103 15.81 -9.42 -12.17
C CYS D 103 17.12 -9.94 -11.56
N LEU D 104 18.11 -10.24 -12.41
CA LEU D 104 19.45 -10.64 -11.94
C LEU D 104 20.04 -9.61 -10.99
N ASN D 105 20.02 -8.34 -11.38
CA ASN D 105 20.52 -7.26 -10.52
C ASN D 105 19.80 -7.20 -9.19
N ASP D 106 18.49 -7.37 -9.22
CA ASP D 106 17.69 -7.23 -8.00
C ASP D 106 17.98 -8.40 -7.05
N LEU D 107 18.06 -9.60 -7.59
CA LEU D 107 18.30 -10.79 -6.77
C LEU D 107 19.69 -10.75 -6.13
N LEU D 108 20.70 -10.36 -6.90
CA LEU D 108 22.06 -10.29 -6.36
C LEU D 108 22.19 -9.16 -5.35
N TYR D 109 21.51 -8.04 -5.56
CA TYR D 109 21.50 -6.93 -4.59
C TYR D 109 20.87 -7.39 -3.29
N ARG D 110 19.70 -8.01 -3.36
CA ARG D 110 19.02 -8.52 -2.17
C ARG D 110 19.81 -9.63 -1.48
N GLN D 111 20.53 -10.43 -2.26
CA GLN D 111 21.41 -11.45 -1.70
C GLN D 111 22.54 -10.76 -0.95
N ARG D 112 23.15 -9.77 -1.59
CA ARG D 112 24.33 -9.13 -1.02
C ARG D 112 24.03 -8.43 0.31
N ILE D 113 22.88 -7.76 0.41
CA ILE D 113 22.52 -7.04 1.65
C ILE D 113 21.90 -7.94 2.73
N GLY D 114 21.74 -9.24 2.41
CA GLY D 114 21.33 -10.24 3.40
C GLY D 114 19.83 -10.41 3.52
N GLN D 115 19.08 -9.83 2.58
CA GLN D 115 17.64 -9.95 2.53
C GLN D 115 17.20 -11.34 2.04
N LEU D 116 17.88 -11.88 1.03
CA LEU D 116 17.66 -13.26 0.58
C LEU D 116 18.82 -14.13 1.05
N GLY D 117 18.57 -14.97 2.05
CA GLY D 117 19.60 -15.82 2.65
C GLY D 117 19.93 -17.02 1.78
N ASP D 119 22.90 -18.52 -1.45
CA ASP D 119 24.19 -18.33 -2.11
C ASP D 119 24.02 -18.69 -3.59
N VAL D 120 24.24 -17.68 -4.45
CA VAL D 120 24.16 -17.89 -5.89
C VAL D 120 25.48 -18.52 -6.31
N VAL D 121 25.42 -19.77 -6.79
CA VAL D 121 26.63 -20.54 -7.12
C VAL D 121 26.99 -20.47 -8.60
N ALA D 122 26.07 -20.00 -9.44
CA ALA D 122 26.36 -19.78 -10.86
C ALA D 122 25.27 -18.94 -11.49
N VAL D 123 25.61 -18.25 -12.57
CA VAL D 123 24.64 -17.62 -13.46
C VAL D 123 24.80 -18.29 -14.82
N VAL D 124 23.73 -18.88 -15.34
CA VAL D 124 23.76 -19.62 -16.61
C VAL D 124 22.94 -18.88 -17.67
N SER D 125 23.49 -18.75 -18.87
CA SER D 125 22.89 -17.91 -19.93
C SER D 125 23.03 -18.55 -21.33
N ASN D 126 22.07 -18.22 -22.20
CA ASN D 126 22.10 -18.62 -23.61
C ASN D 126 22.84 -17.58 -24.46
N HIS D 127 23.17 -16.45 -23.83
CA HIS D 127 23.89 -15.37 -24.48
C HIS D 127 25.10 -15.00 -23.63
N PRO D 128 26.10 -14.32 -24.23
CA PRO D 128 27.29 -13.88 -23.49
C PRO D 128 27.16 -12.52 -22.82
N ASP D 129 26.02 -11.84 -22.99
CA ASP D 129 25.91 -10.40 -22.68
C ASP D 129 26.09 -10.03 -21.21
N LEU D 130 25.59 -10.86 -20.29
CA LEU D 130 25.59 -10.51 -18.85
C LEU D 130 26.78 -11.07 -18.03
N GLU D 131 27.77 -11.60 -18.73
CA GLU D 131 29.03 -12.09 -18.13
C GLU D 131 29.75 -11.04 -17.26
N PRO D 132 29.91 -9.79 -17.77
CA PRO D 132 30.55 -8.74 -16.95
C PRO D 132 29.83 -8.45 -15.63
N LEU D 133 28.50 -8.50 -15.68
CA LEU D 133 27.69 -8.30 -14.48
C LEU D 133 27.94 -9.40 -13.44
N ALA D 134 27.88 -10.65 -13.88
CA ALA D 134 28.16 -11.80 -13.00
C ALA D 134 29.57 -11.75 -12.45
N HIS D 135 30.53 -11.45 -13.32
CA HIS D 135 31.93 -11.36 -12.91
C HIS D 135 32.17 -10.25 -11.89
N TRP D 136 31.49 -9.12 -12.04
CA TRP D 136 31.61 -8.04 -11.06
C TRP D 136 31.17 -8.52 -9.66
N HIS D 137 30.15 -9.39 -9.63
CA HIS D 137 29.68 -10.01 -8.37
C HIS D 137 30.50 -11.22 -7.91
N LYS D 138 31.53 -11.59 -8.69
CA LYS D 138 32.37 -12.77 -8.46
C LYS D 138 31.58 -14.09 -8.46
N ILE D 139 30.55 -14.16 -9.30
CA ILE D 139 29.75 -15.37 -9.47
C ILE D 139 30.14 -16.03 -10.79
N PRO D 140 30.46 -17.34 -10.77
CA PRO D 140 30.82 -18.05 -11.99
C PRO D 140 29.76 -17.92 -13.06
N TYR D 141 30.18 -17.61 -14.29
CA TYR D 141 29.26 -17.38 -15.40
C TYR D 141 29.45 -18.45 -16.48
N TYR D 142 28.33 -18.91 -17.05
CA TYR D 142 28.33 -19.95 -18.09
C TYR D 142 27.49 -19.54 -19.29
N HIS D 143 28.11 -19.46 -20.47
CA HIS D 143 27.41 -19.12 -21.70
C HIS D 143 27.29 -20.38 -22.55
N PHE D 144 26.10 -20.99 -22.53
CA PHE D 144 25.81 -22.16 -23.36
C PHE D 144 24.90 -21.80 -24.52
N ALA D 145 25.49 -21.30 -25.61
CA ALA D 145 24.74 -20.95 -26.82
C ALA D 145 23.90 -22.13 -27.31
N LEU D 146 22.76 -21.82 -27.93
CA LEU D 146 21.88 -22.85 -28.47
C LEU D 146 22.17 -23.07 -29.96
N ASP D 147 22.43 -24.32 -30.32
CA ASP D 147 22.32 -24.75 -31.70
C ASP D 147 20.86 -25.20 -31.84
N PRO D 148 20.07 -24.51 -32.70
CA PRO D 148 18.66 -24.89 -32.87
C PRO D 148 18.45 -26.38 -33.17
N LYS D 149 19.35 -26.97 -33.95
CA LYS D 149 19.29 -28.40 -34.28
C LYS D 149 19.48 -29.31 -33.07
N ASP D 150 20.27 -28.85 -32.09
CA ASP D 150 20.57 -29.65 -30.90
C ASP D 150 20.15 -28.92 -29.62
N LYS D 151 18.87 -29.03 -29.29
CA LYS D 151 18.33 -28.48 -28.04
C LYS D 151 18.75 -29.31 -26.82
N PRO D 152 18.64 -30.65 -26.89
CA PRO D 152 19.03 -31.43 -25.71
C PRO D 152 20.48 -31.21 -25.29
N GLY D 153 21.33 -30.79 -26.24
CA GLY D 153 22.74 -30.54 -25.99
C GLY D 153 22.98 -29.29 -25.16
N GLN D 154 22.23 -28.24 -25.46
CA GLN D 154 22.29 -27.01 -24.67
C GLN D 154 21.81 -27.29 -23.26
N GLU D 155 20.73 -28.06 -23.13
CA GLU D 155 20.10 -28.33 -21.84
C GLU D 155 20.86 -29.32 -20.97
N ARG D 156 21.64 -30.21 -21.58
CA ARG D 156 22.52 -31.09 -20.83
C ARG D 156 23.62 -30.29 -20.12
N LYS D 157 24.13 -29.25 -20.77
CA LYS D 157 25.17 -28.39 -20.20
C LYS D 157 24.63 -27.54 -19.04
N VAL D 158 23.44 -26.96 -19.23
CA VAL D 158 22.71 -26.27 -18.16
C VAL D 158 22.51 -27.19 -16.96
N LEU D 159 22.01 -28.40 -17.20
CA LEU D 159 21.74 -29.35 -16.12
CA LEU D 159 21.74 -29.36 -16.12
C LEU D 159 23.03 -29.80 -15.43
N GLN D 160 24.12 -29.85 -16.18
CA GLN D 160 25.43 -30.24 -15.65
C GLN D 160 25.94 -29.27 -14.60
N VAL D 161 25.80 -27.96 -14.88
CA VAL D 161 26.16 -26.92 -13.91
C VAL D 161 25.31 -27.01 -12.65
N ILE D 162 23.99 -27.19 -12.83
CA ILE D 162 23.04 -27.30 -11.72
C ILE D 162 23.36 -28.49 -10.82
N GLU D 163 23.78 -29.60 -11.43
CA GLU D 163 24.19 -30.80 -10.68
C GLU D 163 25.59 -30.66 -10.05
N GLU D 164 26.54 -30.12 -10.80
CA GLU D 164 27.91 -29.90 -10.29
C GLU D 164 28.00 -28.91 -9.12
N THR D 165 27.17 -27.87 -9.14
CA THR D 165 27.20 -26.87 -8.08
C THR D 165 26.34 -27.25 -6.89
N GLY D 166 25.50 -28.28 -7.04
CA GLY D 166 24.60 -28.72 -5.97
C GLY D 166 23.48 -27.73 -5.69
N ALA D 167 23.01 -27.08 -6.75
CA ALA D 167 21.93 -26.10 -6.63
C ALA D 167 20.67 -26.82 -6.18
N GLU D 168 19.96 -26.24 -5.22
CA GLU D 168 18.66 -26.77 -4.78
C GLU D 168 17.51 -25.86 -5.22
N LEU D 169 17.84 -24.76 -5.88
CA LEU D 169 16.84 -23.89 -6.50
C LEU D 169 17.40 -23.29 -7.78
N VAL D 170 16.58 -23.23 -8.80
CA VAL D 170 16.92 -22.55 -10.04
C VAL D 170 15.93 -21.41 -10.21
N ILE D 171 16.45 -20.21 -10.49
CA ILE D 171 15.62 -19.03 -10.70
C ILE D 171 15.74 -18.64 -12.15
N LEU D 172 14.60 -18.58 -12.85
CA LEU D 172 14.58 -18.09 -14.22
C LEU D 172 14.29 -16.59 -14.22
N ALA D 173 15.35 -15.79 -14.26
CA ALA D 173 15.26 -14.33 -14.19
C ALA D 173 15.19 -13.73 -15.60
N ARG D 174 14.04 -13.94 -16.26
CA ARG D 174 13.80 -13.59 -17.66
C ARG D 174 14.72 -14.37 -18.62
N TYR D 175 14.79 -15.67 -18.40
CA TYR D 175 15.47 -16.59 -19.31
C TYR D 175 14.51 -16.91 -20.43
N GLN D 177 14.84 -18.60 -23.50
CA GLN D 177 14.84 -19.84 -24.26
C GLN D 177 13.82 -20.80 -23.66
N VAL D 178 13.02 -21.45 -24.51
CA VAL D 178 11.94 -22.31 -24.05
C VAL D 178 12.52 -23.58 -23.45
N LEU D 179 12.01 -23.99 -22.30
CA LEU D 179 12.48 -25.20 -21.64
C LEU D 179 11.78 -26.40 -22.25
N SER D 180 12.55 -27.46 -22.52
CA SER D 180 11.95 -28.65 -23.09
C SER D 180 11.07 -29.29 -22.02
N PRO D 181 10.17 -30.21 -22.41
CA PRO D 181 9.34 -30.88 -21.41
C PRO D 181 10.13 -31.83 -20.50
N GLU D 182 11.25 -32.35 -20.98
CA GLU D 182 12.11 -33.22 -20.16
C GLU D 182 12.77 -32.41 -19.05
N LEU D 183 13.29 -31.24 -19.41
CA LEU D 183 13.88 -30.31 -18.44
C LEU D 183 12.86 -29.83 -17.41
N CYS D 184 11.63 -29.55 -17.85
CA CYS D 184 10.56 -29.09 -16.96
C CYS D 184 10.23 -30.14 -15.88
N ARG D 185 10.21 -31.41 -16.27
CA ARG D 185 9.97 -32.52 -15.33
C ARG D 185 11.14 -32.66 -14.35
N ARG D 186 12.35 -32.49 -14.88
CA ARG D 186 13.57 -32.52 -14.07
C ARG D 186 13.62 -31.39 -13.02
N LEU D 187 13.10 -30.21 -13.37
CA LEU D 187 13.11 -29.06 -12.45
C LEU D 187 11.85 -28.93 -11.60
N ASP D 188 10.95 -29.92 -11.70
CA ASP D 188 9.63 -29.87 -11.05
C ASP D 188 9.70 -29.55 -9.56
N GLY D 189 9.16 -28.40 -9.18
CA GLY D 189 9.06 -28.01 -7.77
C GLY D 189 10.24 -27.25 -7.20
N TRP D 190 11.25 -26.97 -8.03
CA TRP D 190 12.40 -26.21 -7.57
C TRP D 190 12.99 -25.27 -8.62
N ALA D 191 12.15 -24.84 -9.57
CA ALA D 191 12.53 -23.81 -10.54
C ALA D 191 11.44 -22.76 -10.55
N ILE D 192 11.80 -21.51 -10.24
CA ILE D 192 10.84 -20.41 -10.17
C ILE D 192 11.03 -19.46 -11.35
N ASN D 193 9.92 -19.15 -12.02
CA ASN D 193 9.94 -18.28 -13.19
C ASN D 193 9.15 -17.03 -12.91
N ILE D 194 9.42 -15.97 -13.66
CA ILE D 194 8.71 -14.70 -13.54
C ILE D 194 8.33 -14.22 -14.95
N HIS D 195 7.08 -13.79 -15.12
CA HIS D 195 6.67 -13.12 -16.35
C HIS D 195 5.66 -12.03 -16.04
N HIS D 196 5.49 -11.11 -16.99
CA HIS D 196 4.52 -10.04 -16.83
C HIS D 196 3.13 -10.60 -17.01
N SER D 197 2.14 -9.89 -16.48
CA SER D 197 0.75 -10.35 -16.57
C SER D 197 -0.16 -9.29 -17.19
N LEU D 198 0.35 -8.55 -18.17
CA LEU D 198 -0.46 -7.59 -18.95
C LEU D 198 -1.49 -8.30 -19.82
N LEU D 199 -2.63 -7.64 -20.00
CA LEU D 199 -3.63 -8.03 -21.00
C LEU D 199 -3.74 -9.53 -21.14
N PRO D 200 -4.22 -10.22 -20.09
CA PRO D 200 -4.32 -11.68 -20.18
C PRO D 200 -5.07 -12.13 -21.44
N GLY D 201 -4.40 -12.92 -22.28
CA GLY D 201 -4.98 -13.44 -23.52
C GLY D 201 -4.65 -12.64 -24.76
N PHE D 202 -3.57 -11.86 -24.72
CA PHE D 202 -3.08 -11.11 -25.88
C PHE D 202 -1.66 -11.55 -26.21
N LYS D 203 -1.48 -12.23 -27.33
CA LYS D 203 -0.18 -12.84 -27.68
C LYS D 203 0.70 -12.01 -28.63
N GLY D 204 0.49 -10.69 -28.66
CA GLY D 204 1.26 -9.82 -29.54
C GLY D 204 2.68 -9.55 -29.06
N ALA D 205 3.56 -9.17 -29.98
CA ALA D 205 4.98 -8.89 -29.66
C ALA D 205 5.21 -7.62 -28.83
N LYS D 206 4.27 -6.67 -28.86
CA LYS D 206 4.40 -5.44 -28.06
C LYS D 206 3.24 -5.34 -27.07
N PRO D 207 3.27 -6.15 -26.00
CA PRO D 207 2.13 -6.17 -25.08
C PRO D 207 2.03 -4.91 -24.20
N TYR D 208 3.14 -4.18 -24.06
CA TYR D 208 3.16 -2.92 -23.34
C TYR D 208 2.61 -1.77 -24.18
N HIS D 209 2.90 -1.76 -25.49
CA HIS D 209 2.29 -0.76 -26.37
CA HIS D 209 2.30 -0.77 -26.38
C HIS D 209 0.79 -1.01 -26.40
N GLN D 210 0.40 -2.28 -26.41
CA GLN D 210 -1.02 -2.65 -26.38
C GLN D 210 -1.67 -2.21 -25.06
N ALA D 211 -0.96 -2.37 -23.95
CA ALA D 211 -1.45 -1.91 -22.64
C ALA D 211 -1.64 -0.39 -22.63
N TYR D 212 -0.63 0.34 -23.12
CA TYR D 212 -0.73 1.79 -23.30
C TYR D 212 -1.97 2.21 -24.11
N ASN D 213 -2.19 1.57 -25.26
CA ASN D 213 -3.31 1.93 -26.15
C ASN D 213 -4.67 1.65 -25.55
N LYS D 214 -4.71 0.63 -24.70
CA LYS D 214 -5.94 0.23 -24.02
C LYS D 214 -6.18 1.09 -22.77
N GLY D 215 -5.12 1.74 -22.28
CA GLY D 215 -5.22 2.70 -21.20
C GLY D 215 -5.28 2.09 -19.82
N VAL D 216 -4.52 1.02 -19.58
CA VAL D 216 -4.55 0.39 -18.27
C VAL D 216 -4.00 1.35 -17.23
N LYS D 217 -4.32 1.10 -15.97
CA LYS D 217 -3.85 1.93 -14.86
C LYS D 217 -3.00 1.09 -13.92
N VAL D 219 0.17 -2.31 -14.21
CA VAL D 219 0.88 -3.38 -14.89
C VAL D 219 1.22 -4.46 -13.86
N GLY D 220 1.26 -5.72 -14.29
CA GLY D 220 1.32 -6.85 -13.33
C GLY D 220 2.38 -7.89 -13.64
N ALA D 221 2.59 -8.81 -12.69
CA ALA D 221 3.56 -9.87 -12.85
C ALA D 221 3.18 -11.06 -11.99
N THR D 222 3.57 -12.26 -12.46
CA THR D 222 3.33 -13.52 -11.75
C THR D 222 4.61 -14.32 -11.61
N ALA D 223 4.92 -14.77 -10.40
CA ALA D 223 6.05 -15.68 -10.17
C ALA D 223 5.44 -17.05 -9.98
N HIS D 224 5.92 -18.03 -10.73
CA HIS D 224 5.35 -19.40 -10.64
C HIS D 224 6.41 -20.46 -10.65
N TYR D 225 6.04 -21.66 -10.18
CA TYR D 225 6.89 -22.86 -10.36
C TYR D 225 6.75 -23.32 -11.79
N ILE D 226 7.82 -23.89 -12.34
CA ILE D 226 7.82 -24.41 -13.71
C ILE D 226 7.22 -25.83 -13.76
N ASN D 227 6.33 -26.04 -14.72
CA ASN D 227 5.82 -27.36 -15.09
C ASN D 227 5.68 -27.40 -16.62
N ASN D 228 5.01 -28.42 -17.19
CA ASN D 228 4.88 -28.52 -18.65
C ASN D 228 4.01 -27.46 -19.35
N ASP D 229 3.20 -26.73 -18.59
CA ASP D 229 2.38 -25.65 -19.14
C ASP D 229 3.19 -24.37 -19.21
N LEU D 230 3.39 -23.84 -20.42
CA LEU D 230 4.24 -22.67 -20.65
C LEU D 230 3.70 -21.45 -19.90
N ASP D 231 4.54 -20.90 -19.00
CA ASP D 231 4.21 -19.70 -18.19
C ASP D 231 3.05 -19.82 -17.20
N GLU D 232 2.42 -20.99 -17.18
N GLU D 232 2.52 -21.04 -17.02
CA GLU D 232 1.39 -21.30 -16.22
CA GLU D 232 1.21 -21.24 -16.41
C GLU D 232 2.05 -22.31 -15.33
C GLU D 232 1.21 -22.21 -15.22
N GLY D 233 1.25 -23.08 -14.60
N GLY D 233 2.40 -22.56 -14.73
CA GLY D 233 1.83 -23.90 -13.57
CA GLY D 233 2.52 -23.51 -13.61
C GLY D 233 1.83 -23.07 -12.32
C GLY D 233 2.03 -22.94 -12.30
N PRO D 234 2.16 -23.70 -11.19
CA PRO D 234 1.72 -23.22 -9.87
C PRO D 234 2.13 -21.78 -9.50
N ILE D 235 1.13 -20.94 -9.35
CA ILE D 235 1.32 -19.55 -8.97
C ILE D 235 1.80 -19.44 -7.52
N ILE D 236 2.96 -18.79 -7.32
CA ILE D 236 3.53 -18.54 -6.00
C ILE D 236 3.17 -17.14 -5.50
N ALA D 237 3.39 -16.14 -6.36
CA ALA D 237 3.12 -14.74 -6.02
C ALA D 237 2.67 -13.95 -7.26
N GLN D 238 1.81 -12.95 -7.02
CA GLN D 238 1.41 -12.00 -8.05
C GLN D 238 1.44 -10.62 -7.43
N GLY D 239 1.62 -9.61 -8.27
CA GLY D 239 1.63 -8.23 -7.83
C GLY D 239 1.36 -7.26 -8.98
N VAL D 240 1.02 -6.02 -8.63
CA VAL D 240 0.83 -4.98 -9.62
C VAL D 240 1.52 -3.70 -9.20
N GLU D 241 1.79 -2.87 -10.20
CA GLU D 241 2.36 -1.55 -10.02
C GLU D 241 1.38 -0.55 -10.61
N VAL D 242 1.13 0.54 -9.90
CA VAL D 242 0.25 1.60 -10.38
C VAL D 242 0.95 2.32 -11.54
N VAL D 243 0.22 2.56 -12.62
CA VAL D 243 0.69 3.47 -13.69
C VAL D 243 -0.41 4.44 -14.09
N ASP D 244 -0.07 5.43 -14.91
CA ASP D 244 -1.06 6.40 -15.38
C ASP D 244 -0.81 6.88 -16.82
N HIS D 245 -1.67 7.79 -17.27
CA HIS D 245 -1.59 8.39 -18.62
C HIS D 245 -0.20 8.94 -19.01
N SER D 246 0.56 9.46 -18.05
CA SER D 246 1.87 10.05 -18.36
C SER D 246 2.93 8.98 -18.60
N HIS D 247 2.59 7.72 -18.34
CA HIS D 247 3.49 6.61 -18.59
C HIS D 247 3.40 6.11 -20.05
N TYR D 248 4.31 6.58 -20.88
CA TYR D 248 4.43 6.09 -22.25
C TYR D 248 4.94 4.64 -22.26
N PRO D 249 4.93 3.97 -23.42
CA PRO D 249 5.32 2.56 -23.52
C PRO D 249 6.62 2.21 -22.83
N GLU D 250 7.68 2.97 -23.08
CA GLU D 250 8.98 2.71 -22.43
C GLU D 250 8.83 2.79 -20.91
N ASP D 251 8.04 3.76 -20.43
CA ASP D 251 7.80 3.90 -18.98
C ASP D 251 7.02 2.69 -18.47
N LEU D 252 6.02 2.26 -19.24
CA LEU D 252 5.25 1.07 -18.88
C LEU D 252 6.14 -0.16 -18.85
N ILE D 253 6.95 -0.36 -19.90
CA ILE D 253 7.96 -1.42 -19.85
C ILE D 253 8.79 -1.27 -18.57
N ALA D 254 9.23 -0.05 -18.25
CA ALA D 254 10.05 0.17 -17.05
C ALA D 254 9.34 -0.26 -15.76
N LYS D 255 8.07 0.13 -15.59
CA LYS D 255 7.28 -0.26 -14.41
C LYS D 255 7.06 -1.78 -14.38
N GLY D 256 6.98 -2.37 -15.57
CA GLY D 256 6.89 -3.81 -15.71
C GLY D 256 8.10 -4.49 -15.11
N ARG D 257 9.28 -3.95 -15.41
CA ARG D 257 10.52 -4.48 -14.86
C ARG D 257 10.55 -4.41 -13.33
N ASP D 258 10.04 -3.30 -12.78
CA ASP D 258 9.92 -3.12 -11.34
C ASP D 258 9.13 -4.24 -10.70
N ILE D 259 7.97 -4.55 -11.28
CA ILE D 259 7.02 -5.44 -10.63
C ILE D 259 7.45 -6.89 -10.84
N GLU D 260 8.07 -7.16 -11.97
CA GLU D 260 8.76 -8.43 -12.14
C GLU D 260 9.81 -8.61 -11.05
N CYS D 261 10.63 -7.59 -10.82
CA CYS D 261 11.69 -7.66 -9.83
C CYS D 261 11.13 -7.99 -8.46
N LEU D 262 10.16 -7.19 -8.02
CA LEU D 262 9.57 -7.31 -6.69
C LEU D 262 8.84 -8.64 -6.50
N THR D 263 8.06 -9.03 -7.51
CA THR D 263 7.24 -10.24 -7.43
C THR D 263 8.11 -11.50 -7.36
N LEU D 264 9.16 -11.54 -8.19
CA LEU D 264 10.12 -12.64 -8.16
C LEU D 264 10.83 -12.74 -6.81
N ALA D 265 11.30 -11.62 -6.28
CA ALA D 265 12.03 -11.61 -5.00
C ALA D 265 11.14 -12.12 -3.85
N ARG D 266 9.90 -11.64 -3.78
CA ARG D 266 8.93 -12.17 -2.84
C ARG D 266 8.80 -13.70 -2.95
N ALA D 267 8.52 -14.20 -4.17
CA ALA D 267 8.40 -15.62 -4.39
C ALA D 267 9.65 -16.36 -3.93
N VAL D 268 10.82 -15.91 -4.39
CA VAL D 268 12.08 -16.57 -4.04
C VAL D 268 12.28 -16.59 -2.53
N GLY D 269 11.93 -15.48 -1.88
CA GLY D 269 11.97 -15.39 -0.41
C GLY D 269 11.04 -16.37 0.27
N TYR D 270 9.79 -16.44 -0.16
CA TYR D 270 8.84 -17.42 0.37
C TYR D 270 9.43 -18.83 0.28
N HIS D 271 10.01 -19.16 -0.87
CA HIS D 271 10.56 -20.50 -1.13
C HIS D 271 11.74 -20.86 -0.23
N ILE D 272 12.70 -19.95 -0.10
CA ILE D 272 13.91 -20.23 0.69
C ILE D 272 13.62 -20.19 2.19
N GLU D 273 12.59 -19.43 2.58
CA GLU D 273 12.13 -19.41 3.98
C GLU D 273 11.28 -20.65 4.35
N ARG D 274 11.10 -21.57 3.39
CA ARG D 274 10.38 -22.84 3.60
C ARG D 274 8.90 -22.60 3.87
N ARG D 275 8.29 -21.67 3.14
CA ARG D 275 6.90 -21.27 3.39
CA ARG D 275 6.91 -21.26 3.39
C ARG D 275 5.94 -21.78 2.33
N VAL D 276 6.48 -22.22 1.19
CA VAL D 276 5.65 -22.55 0.04
C VAL D 276 5.47 -24.05 -0.11
N PHE D 277 4.21 -24.46 -0.26
CA PHE D 277 3.84 -25.87 -0.47
C PHE D 277 3.03 -25.97 -1.77
N LEU D 278 3.16 -27.11 -2.45
CA LEU D 278 2.34 -27.40 -3.63
C LEU D 278 1.01 -28.02 -3.15
N ASN D 279 -0.09 -27.54 -3.70
CA ASN D 279 -1.43 -27.99 -3.31
C ASN D 279 -2.27 -28.18 -4.56
N ALA D 280 -2.37 -29.43 -5.01
CA ALA D 280 -2.88 -29.76 -6.35
C ALA D 280 -2.08 -28.93 -7.38
N ASN D 281 -2.71 -27.98 -8.07
CA ASN D 281 -2.01 -27.17 -9.07
C ASN D 281 -1.74 -25.73 -8.59
N ARG D 282 -1.88 -25.50 -7.28
CA ARG D 282 -1.69 -24.17 -6.70
C ARG D 282 -0.71 -24.20 -5.52
N THR D 283 -0.53 -23.07 -4.84
CA THR D 283 0.36 -23.03 -3.69
C THR D 283 -0.35 -22.51 -2.46
N VAL D 284 0.03 -23.10 -1.33
CA VAL D 284 -0.20 -22.54 -0.02
C VAL D 284 1.13 -21.91 0.40
N VAL D 285 1.05 -20.72 0.99
CA VAL D 285 2.20 -19.97 1.46
C VAL D 285 1.98 -19.62 2.94
N LEU D 286 2.64 -20.34 3.87
CA LEU D 286 2.36 -20.18 5.31
C LEU D 286 3.22 -19.14 6.03
#